data_6JFJ
#
_entry.id   6JFJ
#
_cell.length_a   49.911
_cell.length_b   98.179
_cell.length_c   140.187
_cell.angle_alpha   90.00
_cell.angle_beta   90.00
_cell.angle_gamma   90.00
#
_symmetry.space_group_name_H-M   'P 2 21 21'
#
loop_
_entity.id
_entity.type
_entity.pdbx_description
1 polymer Pulullanase
2 branched alpha-D-glucopyranose-(1-4)-alpha-D-glucopyranose-(1-4)-alpha-D-glucopyranose
3 branched alpha-D-glucopyranose-(1-4)-alpha-D-glucopyranose-(1-4)-alpha-D-glucopyranose-(1-4)-alpha-D-glucopyranose-(1-4)-alpha-D-glucopyranose
4 non-polymer GLYCEROL
5 non-polymer DI(HYDROXYETHYL)ETHER
6 non-polymer 'TRIETHYLENE GLYCOL'
7 non-polymer 'PENTAETHYLENE GLYCOL'
8 non-polymer TRIS(HYDROXYETHYL)AMINOMETHANE
9 non-polymer IMIDAZOLE
10 non-polymer 'CALCIUM ION'
11 non-polymer 'CHLORIDE ION'
12 water water
#
_entity_poly.entity_id   1
_entity_poly.type   'polypeptide(L)'
_entity_poly.pdbx_seq_one_letter_code
;MLSVQKEFHGTIDYGDVTVTGGISVFDAKFDELYVYDGDDLGAVYAPEETRFRLWAPTASEAFVVLYETEDGMPVKELPM
KRDVQGTWTLTVAEDCGGLFYTYRVKVGEQWNEAVDPYAKAVGVNGTKTAILDLRSTNPEGWENDQKPPLASPTDAVIYE
LHVRDLSIHPQSGIREKGKFLGLTEEGTRGPNGIPTGLDHITGLGVTHVQLLPIYDYSQESVDESRLDEPHYNWGYDPQN
YNVPEGSYSTDPHNPAARILELKRLIQKLHARGLRVIMDVVYNHVYDGYLIHFTKLVPGYYLRYKADRTFSDGTFCGNEC
ASERPIMRKYIIESILHWVREYHIDGFRFDLMGMIDIETMNEIRRRLDEIDPTILTIGEGWMMETVLPKELRANQDNAEK
LPGIGMFNDGMRDAVKGDIFIFDRKGFISGGDGFEDGVKRGVAGGINYGGQLRQFAVEPVQSVNYVECHDNHTLWDKIEL
STPGASDEERRAMHRLASAIVLTSQGIPFLHAGQEFMRTKGGVENSYKSPIEVNWLDWERCAAHQDDVSYMRSLIALRKA
HPAFRLKTADEIRAHLRFEAAPPHTVAFTLRDHAGGDPDRHLYVLYNANPGALSLELPALGPWEVRFGGEHVLALEAGAS
GEAAAAAPAAAGGPPAGGARLEVRGVGVVVLAVPR
;
_entity_poly.pdbx_strand_id   A
#
loop_
_chem_comp.id
_chem_comp.type
_chem_comp.name
_chem_comp.formula
1PE non-polymer 'PENTAETHYLENE GLYCOL' 'C10 H22 O6'
CA non-polymer 'CALCIUM ION' 'Ca 2'
CL non-polymer 'CHLORIDE ION' 'Cl -1'
GLC D-saccharide, alpha linking alpha-D-glucopyranose 'C6 H12 O6'
GOL non-polymer GLYCEROL 'C3 H8 O3'
IMD non-polymer IMIDAZOLE 'C3 H5 N2 1'
PEG non-polymer DI(HYDROXYETHYL)ETHER 'C4 H10 O3'
PGE non-polymer 'TRIETHYLENE GLYCOL' 'C6 H14 O4'
TAM non-polymer TRIS(HYDROXYETHYL)AMINOMETHANE 'C7 H17 N O3'
#
# COMPACT_ATOMS: atom_id res chain seq x y z
N HIS A 9 14.87 7.94 -26.06
CA HIS A 9 15.07 8.82 -24.91
C HIS A 9 15.70 10.16 -25.29
N GLY A 10 16.75 10.13 -26.10
CA GLY A 10 17.32 11.37 -26.62
C GLY A 10 18.13 12.15 -25.59
N THR A 11 18.19 13.46 -25.82
CA THR A 11 19.11 14.35 -25.11
C THR A 11 18.47 14.99 -23.89
N ILE A 12 19.22 15.06 -22.81
CA ILE A 12 18.89 15.90 -21.66
C ILE A 12 19.88 17.05 -21.65
N ASP A 13 19.37 18.28 -21.72
CA ASP A 13 20.16 19.49 -21.56
C ASP A 13 19.87 20.04 -20.17
N TYR A 14 20.90 20.17 -19.34
CA TYR A 14 20.70 20.57 -17.94
C TYR A 14 20.64 22.08 -17.75
N GLY A 15 20.77 22.85 -18.83
CA GLY A 15 20.47 24.27 -18.77
C GLY A 15 21.64 25.19 -19.07
N ASP A 16 21.32 26.42 -19.49
CA ASP A 16 22.30 27.48 -19.60
C ASP A 16 22.52 28.07 -18.20
N VAL A 17 23.67 27.76 -17.59
CA VAL A 17 23.85 28.11 -16.19
C VAL A 17 23.92 29.63 -15.96
N THR A 18 24.04 30.42 -17.02
CA THR A 18 23.94 31.87 -16.83
C THR A 18 22.55 32.27 -16.35
N VAL A 19 21.52 31.45 -16.64
CA VAL A 19 20.17 31.73 -16.15
C VAL A 19 20.13 31.70 -14.62
N THR A 20 20.94 30.84 -14.00
CA THR A 20 20.94 30.68 -12.55
C THR A 20 22.23 31.22 -11.90
N GLY A 21 22.82 32.26 -12.49
CA GLY A 21 23.98 32.87 -11.87
C GLY A 21 25.20 31.98 -11.79
N GLY A 22 25.35 31.03 -12.71
CA GLY A 22 26.45 30.09 -12.67
C GLY A 22 26.28 28.91 -11.74
N ILE A 23 25.13 28.81 -11.06
CA ILE A 23 24.87 27.71 -10.13
C ILE A 23 24.18 26.58 -10.90
N SER A 24 24.80 25.40 -10.90
CA SER A 24 24.21 24.25 -11.58
C SER A 24 23.09 23.62 -10.76
N VAL A 25 22.13 22.99 -11.45
CA VAL A 25 21.09 22.22 -10.78
C VAL A 25 21.69 21.15 -9.86
N PHE A 26 22.94 20.75 -10.10
CA PHE A 26 23.57 19.74 -9.25
C PHE A 26 24.35 20.33 -8.09
N ASP A 27 24.47 21.65 -8.00
CA ASP A 27 25.20 22.28 -6.91
C ASP A 27 24.33 22.34 -5.65
N ALA A 28 24.95 22.09 -4.49
CA ALA A 28 24.19 22.19 -3.24
C ALA A 28 23.61 23.58 -3.06
N LYS A 29 24.27 24.60 -3.62
CA LYS A 29 23.78 25.97 -3.51
C LYS A 29 22.45 26.15 -4.22
N PHE A 30 22.15 25.31 -5.24
CA PHE A 30 20.88 25.41 -5.94
C PHE A 30 19.71 25.35 -4.96
N ASP A 31 19.81 24.51 -3.93
CA ASP A 31 18.72 24.34 -2.99
C ASP A 31 18.63 25.44 -1.95
N GLU A 32 19.53 26.42 -1.97
CA GLU A 32 19.33 27.62 -1.18
C GLU A 32 18.59 28.69 -1.96
N LEU A 33 18.72 28.66 -3.29
CA LEU A 33 18.26 29.75 -4.13
C LEU A 33 16.79 29.66 -4.54
N TYR A 34 16.26 28.46 -4.74
CA TYR A 34 14.98 28.38 -5.47
C TYR A 34 13.93 27.59 -4.69
N VAL A 35 13.87 27.76 -3.38
CA VAL A 35 12.95 26.97 -2.55
C VAL A 35 11.64 27.75 -2.44
N TYR A 36 10.78 27.56 -3.43
CA TYR A 36 9.48 28.22 -3.39
C TYR A 36 8.57 27.52 -2.37
N ASP A 37 7.95 28.31 -1.50
CA ASP A 37 7.13 27.80 -0.41
C ASP A 37 5.64 28.05 -0.58
N GLY A 38 5.21 28.65 -1.69
CA GLY A 38 3.81 28.98 -1.87
C GLY A 38 2.94 27.76 -2.05
N ASP A 39 1.63 27.97 -1.87
CA ASP A 39 0.67 26.86 -1.94
C ASP A 39 -0.07 26.82 -3.26
N ASP A 40 0.47 27.44 -4.31
CA ASP A 40 -0.27 27.62 -5.55
C ASP A 40 0.42 27.02 -6.77
N LEU A 41 1.30 26.04 -6.58
CA LEU A 41 1.88 25.39 -7.75
C LEU A 41 0.80 24.63 -8.51
N GLY A 42 0.82 24.76 -9.83
CA GLY A 42 -0.18 24.10 -10.65
C GLY A 42 -1.16 25.11 -11.23
N ALA A 43 -2.39 24.67 -11.50
CA ALA A 43 -3.44 25.54 -12.01
C ALA A 43 -4.45 25.78 -10.90
N VAL A 44 -4.73 27.06 -10.64
CA VAL A 44 -5.74 27.45 -9.66
C VAL A 44 -6.92 27.99 -10.46
N TYR A 45 -8.00 27.20 -10.51
CA TYR A 45 -9.09 27.48 -11.44
C TYR A 45 -10.16 28.32 -10.76
N ALA A 46 -10.70 29.26 -11.53
CA ALA A 46 -11.91 30.00 -11.20
C ALA A 46 -12.59 30.29 -12.52
N PRO A 47 -13.93 30.37 -12.54
CA PRO A 47 -14.59 30.86 -13.76
C PRO A 47 -14.13 32.25 -14.14
N GLU A 48 -13.78 33.06 -13.15
CA GLU A 48 -13.22 34.40 -13.41
C GLU A 48 -11.90 34.30 -14.15
N GLU A 49 -10.97 33.51 -13.62
CA GLU A 49 -9.64 33.42 -14.20
C GLU A 49 -8.96 32.15 -13.71
N THR A 50 -8.00 31.67 -14.49
CA THR A 50 -7.16 30.56 -14.12
C THR A 50 -5.73 31.06 -13.95
N ARG A 51 -5.12 30.74 -12.83
CA ARG A 51 -3.75 31.14 -12.54
C ARG A 51 -2.84 29.91 -12.61
N PHE A 52 -1.77 30.02 -13.38
CA PHE A 52 -0.77 28.97 -13.54
C PHE A 52 0.51 29.38 -12.81
N ARG A 53 1.12 28.44 -12.09
CA ARG A 53 2.46 28.66 -11.55
C ARG A 53 3.30 27.41 -11.74
N LEU A 54 4.42 27.56 -12.44
CA LEU A 54 5.34 26.47 -12.72
C LEU A 54 6.67 26.78 -12.06
N TRP A 55 7.22 25.80 -11.33
CA TRP A 55 8.60 25.91 -10.83
C TRP A 55 9.55 25.37 -11.90
N ALA A 56 10.39 26.26 -12.45
CA ALA A 56 11.31 25.88 -13.53
C ALA A 56 12.49 26.83 -13.52
N PRO A 57 13.38 26.73 -12.51
CA PRO A 57 14.42 27.76 -12.34
C PRO A 57 15.44 27.78 -13.46
N THR A 58 15.71 26.64 -14.10
CA THR A 58 16.77 26.59 -15.11
C THR A 58 16.28 26.94 -16.51
N ALA A 59 14.98 27.09 -16.71
CA ALA A 59 14.46 27.46 -18.01
C ALA A 59 14.71 28.93 -18.29
N SER A 60 15.05 29.24 -19.53
CA SER A 60 15.18 30.63 -19.94
C SER A 60 13.88 31.21 -20.47
N GLU A 61 12.92 30.36 -20.85
CA GLU A 61 11.59 30.75 -21.30
C GLU A 61 10.60 29.67 -20.90
N ALA A 62 9.34 30.07 -20.72
CA ALA A 62 8.27 29.15 -20.33
C ALA A 62 6.97 29.64 -20.95
N PHE A 63 6.19 28.70 -21.48
CA PHE A 63 4.90 28.97 -22.11
C PHE A 63 3.84 28.04 -21.56
N VAL A 64 2.60 28.51 -21.56
CA VAL A 64 1.43 27.65 -21.41
C VAL A 64 0.86 27.42 -22.80
N VAL A 65 0.76 26.16 -23.20
CA VAL A 65 0.17 25.77 -24.48
C VAL A 65 -1.24 25.27 -24.22
N LEU A 66 -2.22 25.85 -24.89
CA LEU A 66 -3.61 25.48 -24.69
C LEU A 66 -4.10 24.61 -25.84
N TYR A 67 -4.86 23.58 -25.50
CA TYR A 67 -5.42 22.64 -26.45
C TYR A 67 -6.92 22.54 -26.20
N GLU A 68 -7.67 22.29 -27.27
CA GLU A 68 -9.12 22.13 -27.11
C GLU A 68 -9.51 20.67 -26.93
N THR A 69 -8.71 19.74 -27.44
CA THR A 69 -8.96 18.32 -27.32
C THR A 69 -7.70 17.62 -26.86
N GLU A 70 -7.88 16.43 -26.25
CA GLU A 70 -6.77 15.71 -25.65
C GLU A 70 -5.74 15.27 -26.68
N ASP A 71 -6.10 15.30 -27.97
CA ASP A 71 -5.23 14.87 -29.05
C ASP A 71 -5.01 15.94 -30.12
N GLY A 72 -5.61 17.12 -29.96
CA GLY A 72 -5.58 18.13 -31.00
C GLY A 72 -4.29 18.94 -31.03
N MET A 73 -4.29 19.95 -31.93
CA MET A 73 -3.23 20.92 -32.14
C MET A 73 -3.34 22.06 -31.15
N PRO A 74 -2.23 22.71 -30.82
CA PRO A 74 -2.30 23.88 -29.94
C PRO A 74 -3.21 24.94 -30.54
N VAL A 75 -4.14 25.45 -29.74
CA VAL A 75 -4.96 26.57 -30.17
C VAL A 75 -4.45 27.90 -29.64
N LYS A 76 -3.43 27.90 -28.78
CA LYS A 76 -2.89 29.12 -28.19
C LYS A 76 -1.63 28.77 -27.41
N GLU A 77 -0.61 29.64 -27.50
CA GLU A 77 0.59 29.54 -26.68
C GLU A 77 0.82 30.89 -26.02
N LEU A 78 0.90 30.90 -24.69
CA LEU A 78 0.99 32.15 -23.95
C LEU A 78 2.28 32.18 -23.14
N PRO A 79 3.11 33.22 -23.28
CA PRO A 79 4.36 33.27 -22.51
C PRO A 79 4.09 33.52 -21.03
N MET A 80 4.84 32.82 -20.17
CA MET A 80 4.74 33.05 -18.74
C MET A 80 5.75 34.11 -18.31
N LYS A 81 5.49 34.71 -17.15
CA LYS A 81 6.35 35.74 -16.58
C LYS A 81 7.24 35.12 -15.51
N ARG A 82 8.54 35.40 -15.55
CA ARG A 82 9.42 34.91 -14.50
C ARG A 82 9.06 35.57 -13.17
N ASP A 83 8.93 34.74 -12.14
CA ASP A 83 8.43 35.19 -10.84
C ASP A 83 9.47 34.86 -9.77
N VAL A 84 9.04 34.73 -8.51
CA VAL A 84 9.99 34.59 -7.41
C VAL A 84 10.46 33.15 -7.31
N GLN A 85 11.71 32.99 -6.85
CA GLN A 85 12.30 31.72 -6.45
C GLN A 85 12.15 30.64 -7.53
N GLY A 86 12.52 31.00 -8.75
CA GLY A 86 12.54 30.05 -9.86
C GLY A 86 11.19 29.71 -10.47
N THR A 87 10.11 30.36 -10.04
CA THR A 87 8.80 30.06 -10.58
C THR A 87 8.45 30.96 -11.75
N TRP A 88 7.46 30.52 -12.52
CA TRP A 88 6.86 31.27 -13.61
C TRP A 88 5.35 31.35 -13.37
N THR A 89 4.74 32.46 -13.76
CA THR A 89 3.31 32.65 -13.53
C THR A 89 2.60 33.11 -14.80
N LEU A 90 1.30 32.85 -14.83
CA LEU A 90 0.44 33.31 -15.91
C LEU A 90 -0.99 33.31 -15.41
N THR A 91 -1.70 34.41 -15.68
CA THR A 91 -3.13 34.52 -15.39
C THR A 91 -3.89 34.63 -16.72
N VAL A 92 -4.86 33.73 -16.92
CA VAL A 92 -5.74 33.77 -18.08
C VAL A 92 -7.11 34.20 -17.58
N ALA A 93 -7.54 35.39 -17.99
CA ALA A 93 -8.73 36.05 -17.43
C ALA A 93 -10.02 35.60 -18.06
N GLU A 94 -10.15 34.30 -18.35
CA GLU A 94 -11.33 33.72 -18.95
C GLU A 94 -11.63 32.40 -18.26
N ASP A 95 -12.85 31.90 -18.48
CA ASP A 95 -13.21 30.57 -17.98
C ASP A 95 -12.53 29.52 -18.84
N CYS A 96 -11.51 28.87 -18.29
CA CYS A 96 -10.71 27.91 -19.03
C CYS A 96 -11.19 26.48 -18.86
N GLY A 97 -12.32 26.27 -18.19
CA GLY A 97 -12.80 24.92 -17.98
C GLY A 97 -13.06 24.20 -19.29
N GLY A 98 -12.71 22.92 -19.32
CA GLY A 98 -12.83 22.13 -20.53
C GLY A 98 -11.63 22.17 -21.44
N LEU A 99 -10.68 23.07 -21.21
CA LEU A 99 -9.47 23.13 -22.01
C LEU A 99 -8.41 22.17 -21.46
N PHE A 100 -7.41 21.90 -22.28
CA PHE A 100 -6.23 21.15 -21.89
C PHE A 100 -5.01 22.03 -22.01
N TYR A 101 -3.97 21.73 -21.22
CA TYR A 101 -2.75 22.53 -21.35
C TYR A 101 -1.52 21.70 -21.01
N THR A 102 -0.39 22.20 -21.50
CA THR A 102 0.95 21.76 -21.13
C THR A 102 1.82 22.98 -20.89
N TYR A 103 3.01 22.74 -20.37
CA TYR A 103 4.05 23.75 -20.31
C TYR A 103 5.09 23.45 -21.38
N ARG A 104 5.59 24.50 -22.03
N ARG A 104 5.60 24.49 -22.02
CA ARG A 104 6.71 24.39 -22.96
CA ARG A 104 6.71 24.39 -22.96
C ARG A 104 7.82 25.28 -22.41
C ARG A 104 7.83 25.28 -22.43
N VAL A 105 9.00 24.69 -22.17
CA VAL A 105 10.13 25.39 -21.60
C VAL A 105 11.33 25.29 -22.53
N LYS A 106 12.19 26.29 -22.47
CA LYS A 106 13.51 26.19 -23.11
C LYS A 106 14.53 26.00 -22.00
N VAL A 107 15.18 24.84 -21.99
CA VAL A 107 16.22 24.54 -21.02
C VAL A 107 17.51 24.32 -21.80
N GLY A 108 18.50 25.18 -21.57
CA GLY A 108 19.67 25.15 -22.43
C GLY A 108 19.26 25.46 -23.86
N GLU A 109 19.67 24.58 -24.79
CA GLU A 109 19.45 24.80 -26.22
C GLU A 109 18.20 24.09 -26.76
N GLN A 110 17.37 23.48 -25.91
CA GLN A 110 16.26 22.73 -26.46
C GLN A 110 14.93 23.07 -25.78
N TRP A 111 13.86 22.76 -26.48
CA TRP A 111 12.50 23.02 -26.03
C TRP A 111 11.84 21.71 -25.60
N ASN A 112 11.26 21.70 -24.42
CA ASN A 112 10.62 20.52 -23.87
C ASN A 112 9.17 20.86 -23.52
N GLU A 113 8.28 19.88 -23.66
CA GLU A 113 6.86 20.09 -23.40
C GLU A 113 6.36 19.02 -22.45
N ALA A 114 5.60 19.41 -21.43
CA ALA A 114 5.24 18.46 -20.38
C ALA A 114 3.91 18.81 -19.73
N VAL A 115 3.25 17.77 -19.22
CA VAL A 115 2.09 17.93 -18.35
C VAL A 115 2.51 18.64 -17.06
N ASP A 116 1.57 19.32 -16.43
CA ASP A 116 1.82 19.96 -15.15
C ASP A 116 2.12 18.89 -14.10
N PRO A 117 3.26 18.93 -13.40
CA PRO A 117 3.49 17.97 -12.32
C PRO A 117 2.40 18.03 -11.26
N TYR A 118 1.77 19.19 -11.07
CA TYR A 118 0.67 19.35 -10.13
C TYR A 118 -0.69 19.11 -10.77
N ALA A 119 -0.73 18.44 -11.94
CA ALA A 119 -2.01 18.14 -12.59
C ALA A 119 -2.97 17.48 -11.62
N LYS A 120 -4.20 17.98 -11.58
CA LYS A 120 -5.28 17.35 -10.81
C LYS A 120 -6.27 16.61 -11.69
N ALA A 121 -6.17 16.76 -13.00
CA ALA A 121 -7.00 16.04 -13.96
C ALA A 121 -6.23 16.02 -15.26
N VAL A 122 -6.45 14.97 -16.05
CA VAL A 122 -5.69 14.76 -17.29
C VAL A 122 -6.59 14.14 -18.36
N GLY A 123 -6.15 14.26 -19.61
CA GLY A 123 -6.78 13.56 -20.71
C GLY A 123 -6.36 12.09 -20.75
N VAL A 124 -6.88 11.38 -21.76
CA VAL A 124 -6.57 9.96 -21.86
C VAL A 124 -5.07 9.77 -21.92
N ASN A 125 -4.58 8.77 -21.20
CA ASN A 125 -3.16 8.43 -21.11
C ASN A 125 -2.29 9.55 -20.55
N GLY A 126 -2.90 10.57 -19.96
CA GLY A 126 -2.18 11.53 -19.14
C GLY A 126 -1.16 12.36 -19.87
N THR A 127 -1.40 12.69 -21.14
CA THR A 127 -0.47 13.44 -21.96
C THR A 127 -0.73 14.94 -21.97
N LYS A 128 -1.87 15.37 -21.45
CA LYS A 128 -2.21 16.78 -21.33
C LYS A 128 -2.91 17.01 -20.00
N THR A 129 -2.65 18.17 -19.41
CA THR A 129 -3.34 18.58 -18.20
C THR A 129 -4.74 19.05 -18.57
N ALA A 130 -5.72 18.65 -17.77
CA ALA A 130 -7.11 19.04 -18.01
C ALA A 130 -7.50 20.11 -17.01
N ILE A 131 -8.10 21.20 -17.49
CA ILE A 131 -8.59 22.25 -16.60
C ILE A 131 -10.03 21.93 -16.22
N LEU A 132 -10.27 21.78 -14.93
CA LEU A 132 -11.56 21.33 -14.44
C LEU A 132 -11.82 21.93 -13.06
N ASP A 133 -13.08 22.22 -12.78
CA ASP A 133 -13.51 22.61 -11.44
C ASP A 133 -13.77 21.35 -10.64
N LEU A 134 -12.89 21.05 -9.67
CA LEU A 134 -12.99 19.78 -8.95
C LEU A 134 -14.24 19.68 -8.10
N ARG A 135 -14.87 20.80 -7.73
CA ARG A 135 -16.13 20.72 -6.99
C ARG A 135 -17.20 20.02 -7.81
N SER A 136 -17.13 20.10 -9.14
CA SER A 136 -18.08 19.40 -10.00
C SER A 136 -17.84 17.89 -10.06
N THR A 137 -16.81 17.36 -9.39
CA THR A 137 -16.54 15.92 -9.37
C THR A 137 -16.93 15.27 -8.06
N ASN A 138 -17.56 16.00 -7.16
CA ASN A 138 -17.88 15.44 -5.86
C ASN A 138 -19.18 14.65 -5.93
N PRO A 139 -19.22 13.43 -5.37
CA PRO A 139 -20.48 12.69 -5.32
C PRO A 139 -21.53 13.42 -4.49
N GLU A 140 -22.78 13.05 -4.72
CA GLU A 140 -23.86 13.55 -3.87
C GLU A 140 -23.64 13.09 -2.44
N GLY A 141 -23.58 14.04 -1.52
CA GLY A 141 -23.37 13.76 -0.11
C GLY A 141 -21.92 13.73 0.34
N TRP A 142 -20.96 13.98 -0.55
CA TRP A 142 -19.54 13.89 -0.24
C TRP A 142 -19.20 14.71 0.99
N GLU A 143 -19.88 15.84 1.19
CA GLU A 143 -19.59 16.71 2.32
C GLU A 143 -19.88 16.03 3.66
N ASN A 144 -20.82 15.07 3.68
CA ASN A 144 -21.14 14.34 4.89
C ASN A 144 -20.39 13.02 5.02
N ASP A 145 -19.36 12.79 4.19
CA ASP A 145 -18.60 11.55 4.27
C ASP A 145 -17.90 11.46 5.62
N GLN A 146 -18.11 10.35 6.32
CA GLN A 146 -17.53 10.13 7.65
C GLN A 146 -16.75 8.82 7.65
N LYS A 147 -15.61 8.81 8.36
CA LYS A 147 -14.78 7.62 8.44
C LYS A 147 -15.30 6.68 9.53
N PRO A 148 -15.25 5.37 9.31
CA PRO A 148 -15.46 4.43 10.41
C PRO A 148 -14.46 4.68 11.51
N PRO A 149 -14.83 4.43 12.77
CA PRO A 149 -13.90 4.67 13.88
C PRO A 149 -12.70 3.73 13.84
N LEU A 150 -11.59 4.20 14.39
CA LEU A 150 -10.38 3.38 14.52
C LEU A 150 -9.62 3.87 15.74
N ALA A 151 -9.54 3.03 16.77
CA ALA A 151 -8.93 3.45 18.03
C ALA A 151 -7.42 3.27 18.06
N SER A 152 -6.88 2.41 17.19
CA SER A 152 -5.48 2.03 17.27
C SER A 152 -5.08 1.45 15.92
N PRO A 153 -3.86 1.71 15.44
CA PRO A 153 -3.38 0.96 14.27
C PRO A 153 -3.45 -0.54 14.46
N THR A 154 -3.33 -1.02 15.70
CA THR A 154 -3.39 -2.45 15.96
C THR A 154 -4.80 -3.01 15.82
N ASP A 155 -5.80 -2.15 15.69
CA ASP A 155 -7.18 -2.57 15.42
C ASP A 155 -7.47 -2.68 13.93
N ALA A 156 -6.53 -2.34 13.07
CA ALA A 156 -6.74 -2.46 11.64
C ALA A 156 -6.55 -3.90 11.21
N VAL A 157 -7.30 -4.31 10.21
CA VAL A 157 -7.10 -5.57 9.50
C VAL A 157 -7.10 -5.19 8.02
N ILE A 158 -5.93 -5.22 7.39
CA ILE A 158 -5.74 -4.69 6.04
C ILE A 158 -5.95 -5.80 5.03
N TYR A 159 -6.60 -5.45 3.92
CA TYR A 159 -6.94 -6.37 2.85
C TYR A 159 -6.41 -5.79 1.54
N GLU A 160 -5.34 -6.37 1.00
CA GLU A 160 -4.62 -5.77 -0.13
C GLU A 160 -5.23 -6.23 -1.44
N LEU A 161 -5.66 -5.27 -2.28
CA LEU A 161 -6.49 -5.59 -3.42
C LEU A 161 -6.14 -4.73 -4.62
N HIS A 162 -6.16 -5.34 -5.81
CA HIS A 162 -5.99 -4.66 -7.08
C HIS A 162 -7.37 -4.44 -7.71
N VAL A 163 -7.62 -3.23 -8.22
CA VAL A 163 -8.93 -2.85 -8.73
C VAL A 163 -9.36 -3.77 -9.88
N ARG A 164 -8.43 -4.13 -10.76
CA ARG A 164 -8.78 -5.03 -11.86
C ARG A 164 -9.01 -6.46 -11.37
N ASP A 165 -8.11 -6.97 -10.51
CA ASP A 165 -8.27 -8.33 -9.97
C ASP A 165 -9.66 -8.56 -9.38
N LEU A 166 -10.19 -7.53 -8.70
CA LEU A 166 -11.39 -7.70 -7.88
C LEU A 166 -12.55 -8.26 -8.69
N SER A 167 -12.72 -7.79 -9.93
CA SER A 167 -13.97 -7.99 -10.64
C SER A 167 -13.82 -8.57 -12.04
N ILE A 168 -12.60 -8.73 -12.56
CA ILE A 168 -12.45 -9.04 -13.98
C ILE A 168 -12.74 -10.52 -14.30
N HIS A 169 -12.77 -11.40 -13.31
CA HIS A 169 -13.14 -12.78 -13.60
C HIS A 169 -14.56 -12.83 -14.19
N PRO A 170 -14.78 -13.66 -15.21
CA PRO A 170 -16.09 -13.60 -15.91
C PRO A 170 -17.28 -13.98 -15.06
N GLN A 171 -17.08 -14.70 -13.96
CA GLN A 171 -18.19 -15.05 -13.08
C GLN A 171 -18.20 -14.23 -11.80
N SER A 172 -17.59 -13.04 -11.81
CA SER A 172 -17.59 -12.19 -10.63
C SER A 172 -18.98 -11.66 -10.29
N GLY A 173 -19.92 -11.67 -11.24
CA GLY A 173 -21.23 -11.09 -11.00
C GLY A 173 -21.24 -9.59 -10.88
N ILE A 174 -20.15 -8.92 -11.25
CA ILE A 174 -19.99 -7.48 -11.14
C ILE A 174 -20.08 -6.88 -12.54
N ARG A 175 -20.82 -5.78 -12.67
CA ARG A 175 -21.04 -5.22 -14.00
C ARG A 175 -19.84 -4.43 -14.50
N GLU A 176 -19.35 -3.49 -13.68
CA GLU A 176 -18.26 -2.61 -14.09
C GLU A 176 -16.92 -3.29 -13.81
N LYS A 177 -16.66 -4.34 -14.59
CA LYS A 177 -15.48 -5.17 -14.38
C LYS A 177 -14.21 -4.41 -14.67
N GLY A 178 -13.23 -4.50 -13.76
CA GLY A 178 -12.00 -3.78 -13.90
C GLY A 178 -12.03 -2.33 -13.46
N LYS A 179 -13.14 -1.83 -12.93
CA LYS A 179 -13.34 -0.41 -12.71
C LYS A 179 -13.52 -0.11 -11.23
N PHE A 180 -13.21 1.14 -10.85
CA PHE A 180 -13.48 1.60 -9.49
C PHE A 180 -14.91 1.27 -9.07
N LEU A 181 -15.87 1.53 -9.96
CA LEU A 181 -17.28 1.35 -9.60
C LEU A 181 -17.63 -0.12 -9.37
N GLY A 182 -16.86 -1.05 -9.94
CA GLY A 182 -17.07 -2.46 -9.65
C GLY A 182 -17.01 -2.77 -8.17
N LEU A 183 -16.24 -2.02 -7.40
CA LEU A 183 -16.16 -2.24 -5.96
C LEU A 183 -17.24 -1.47 -5.19
N THR A 184 -18.10 -0.70 -5.87
CA THR A 184 -19.26 -0.10 -5.21
C THR A 184 -20.54 -0.92 -5.35
N GLU A 185 -20.52 -1.96 -6.18
CA GLU A 185 -21.73 -2.72 -6.47
C GLU A 185 -22.04 -3.66 -5.32
N GLU A 186 -23.26 -3.55 -4.81
CA GLU A 186 -23.72 -4.34 -3.68
C GLU A 186 -24.61 -5.47 -4.16
N GLY A 187 -24.66 -6.54 -3.37
CA GLY A 187 -25.48 -7.68 -3.73
C GLY A 187 -24.99 -8.45 -4.95
N THR A 188 -23.69 -8.44 -5.22
CA THR A 188 -23.16 -9.17 -6.35
C THR A 188 -22.93 -10.62 -5.96
N ARG A 189 -23.19 -11.53 -6.90
N ARG A 189 -23.16 -11.52 -6.91
CA ARG A 189 -23.12 -12.95 -6.63
CA ARG A 189 -23.11 -12.95 -6.60
C ARG A 189 -22.26 -13.63 -7.67
C ARG A 189 -22.36 -13.70 -7.68
N GLY A 190 -21.60 -14.70 -7.26
CA GLY A 190 -20.76 -15.48 -8.15
C GLY A 190 -21.24 -16.90 -8.30
N PRO A 191 -20.33 -17.81 -8.68
CA PRO A 191 -20.72 -19.22 -8.82
C PRO A 191 -21.46 -19.73 -7.60
N ASN A 192 -22.51 -20.52 -7.83
N ASN A 192 -22.51 -20.52 -7.83
CA ASN A 192 -23.36 -21.10 -6.80
CA ASN A 192 -23.33 -21.11 -6.78
C ASN A 192 -23.99 -20.04 -5.89
C ASN A 192 -23.99 -20.04 -5.89
N GLY A 193 -24.07 -18.80 -6.35
CA GLY A 193 -24.70 -17.75 -5.58
C GLY A 193 -23.90 -17.16 -4.44
N ILE A 194 -22.60 -17.41 -4.36
CA ILE A 194 -21.78 -16.89 -3.26
C ILE A 194 -21.70 -15.37 -3.35
N PRO A 195 -21.55 -14.66 -2.22
CA PRO A 195 -21.25 -13.23 -2.30
C PRO A 195 -19.91 -13.02 -2.98
N THR A 196 -19.82 -11.95 -3.77
CA THR A 196 -18.56 -11.53 -4.39
C THR A 196 -18.34 -10.05 -4.11
N GLY A 197 -17.20 -9.53 -4.57
CA GLY A 197 -16.96 -8.10 -4.52
C GLY A 197 -17.08 -7.50 -3.13
N LEU A 198 -17.70 -6.32 -3.07
CA LEU A 198 -17.85 -5.56 -1.83
C LEU A 198 -18.52 -6.39 -0.73
N ASP A 199 -19.59 -7.11 -1.07
CA ASP A 199 -20.27 -7.91 -0.05
C ASP A 199 -19.37 -9.03 0.48
N HIS A 200 -18.55 -9.64 -0.39
CA HIS A 200 -17.59 -10.62 0.11
C HIS A 200 -16.59 -9.98 1.08
N ILE A 201 -16.10 -8.79 0.74
CA ILE A 201 -15.05 -8.16 1.55
C ILE A 201 -15.61 -7.67 2.89
N THR A 202 -16.74 -6.95 2.87
CA THR A 202 -17.33 -6.54 4.15
C THR A 202 -17.69 -7.75 5.00
N GLY A 203 -18.13 -8.84 4.37
CA GLY A 203 -18.48 -10.05 5.11
C GLY A 203 -17.30 -10.70 5.82
N LEU A 204 -16.07 -10.43 5.39
CA LEU A 204 -14.91 -10.98 6.08
C LEU A 204 -14.66 -10.27 7.40
N GLY A 205 -15.08 -9.01 7.52
CA GLY A 205 -14.79 -8.20 8.71
C GLY A 205 -13.45 -7.50 8.69
N VAL A 206 -12.79 -7.41 7.53
CA VAL A 206 -11.59 -6.58 7.46
C VAL A 206 -12.00 -5.13 7.68
N THR A 207 -11.02 -4.29 8.00
CA THR A 207 -11.29 -2.88 8.30
C THR A 207 -10.77 -1.91 7.25
N HIS A 208 -9.73 -2.28 6.51
CA HIS A 208 -9.09 -1.40 5.54
C HIS A 208 -8.89 -2.18 4.25
N VAL A 209 -9.24 -1.56 3.12
CA VAL A 209 -8.87 -2.08 1.82
C VAL A 209 -7.69 -1.28 1.34
N GLN A 210 -6.55 -1.94 1.12
CA GLN A 210 -5.37 -1.30 0.58
C GLN A 210 -5.34 -1.52 -0.93
N LEU A 211 -5.43 -0.46 -1.70
CA LEU A 211 -5.57 -0.58 -3.15
C LEU A 211 -4.22 -0.45 -3.83
N LEU A 212 -3.88 -1.43 -4.66
CA LEU A 212 -2.70 -1.32 -5.49
C LEU A 212 -2.82 -0.07 -6.36
N PRO A 213 -1.66 0.44 -6.90
CA PRO A 213 -1.65 1.78 -7.54
C PRO A 213 -2.93 2.27 -8.22
N ILE A 214 -3.57 3.26 -7.62
CA ILE A 214 -4.73 3.92 -8.21
C ILE A 214 -4.43 5.31 -8.74
N TYR A 215 -3.24 5.85 -8.49
CA TYR A 215 -2.76 7.03 -9.22
C TYR A 215 -2.54 6.66 -10.69
N ASP A 216 -2.31 7.67 -11.52
CA ASP A 216 -2.20 7.44 -12.96
C ASP A 216 -0.84 6.84 -13.30
N TYR A 217 -0.83 5.60 -13.76
CA TYR A 217 0.41 4.96 -14.18
C TYR A 217 0.50 4.91 -15.71
N SER A 218 1.67 4.54 -16.20
CA SER A 218 2.05 4.93 -17.56
C SER A 218 1.27 4.18 -18.65
N GLN A 219 1.17 4.82 -19.81
CA GLN A 219 0.54 4.23 -20.97
C GLN A 219 1.30 2.98 -21.44
N GLU A 220 2.59 2.92 -21.17
CA GLU A 220 3.38 1.73 -21.47
C GLU A 220 2.91 0.53 -20.67
N SER A 221 2.32 0.75 -19.49
CA SER A 221 1.84 -0.35 -18.66
C SER A 221 0.43 -0.80 -19.06
N VAL A 222 -0.49 0.16 -19.15
CA VAL A 222 -1.84 -0.08 -19.67
C VAL A 222 -2.18 1.09 -20.57
N ASP A 223 -2.49 0.81 -21.83
CA ASP A 223 -2.88 1.85 -22.78
C ASP A 223 -4.37 2.15 -22.59
N GLU A 224 -4.67 3.34 -22.05
CA GLU A 224 -6.04 3.71 -21.71
C GLU A 224 -6.91 3.94 -22.94
N SER A 225 -6.33 4.04 -24.13
CA SER A 225 -7.13 4.17 -25.34
C SER A 225 -7.40 2.83 -26.02
N ARG A 226 -6.90 1.71 -25.48
CA ARG A 226 -7.09 0.38 -26.07
C ARG A 226 -7.62 -0.61 -25.05
N LEU A 227 -8.58 -0.19 -24.25
CA LEU A 227 -9.13 -1.05 -23.21
C LEU A 227 -10.02 -2.15 -23.74
N ASP A 228 -10.28 -2.19 -25.05
CA ASP A 228 -11.01 -3.29 -25.66
C ASP A 228 -10.10 -4.45 -26.04
N GLU A 229 -8.80 -4.33 -25.81
CA GLU A 229 -7.85 -5.41 -25.98
C GLU A 229 -7.32 -5.86 -24.61
N PRO A 230 -6.81 -7.08 -24.49
CA PRO A 230 -6.35 -7.55 -23.17
C PRO A 230 -5.30 -6.62 -22.59
N HIS A 231 -5.38 -6.42 -21.28
CA HIS A 231 -4.44 -5.54 -20.61
C HIS A 231 -4.38 -5.91 -19.13
N TYR A 232 -3.22 -5.71 -18.54
CA TYR A 232 -3.06 -5.85 -17.10
C TYR A 232 -1.72 -5.31 -16.63
N ASN A 233 -1.73 -4.51 -15.57
CA ASN A 233 -0.50 -4.16 -14.88
C ASN A 233 -0.82 -3.74 -13.45
N TRP A 234 0.04 -4.17 -12.50
CA TRP A 234 -0.10 -3.71 -11.12
C TRP A 234 -0.11 -2.18 -11.06
N GLY A 235 0.72 -1.54 -11.89
CA GLY A 235 0.77 -0.10 -11.97
C GLY A 235 1.91 0.59 -11.23
N TYR A 236 3.01 -0.12 -10.91
CA TYR A 236 4.11 0.52 -10.18
C TYR A 236 5.02 1.34 -11.11
N ASP A 237 4.43 2.05 -12.08
CA ASP A 237 5.13 2.89 -13.05
C ASP A 237 4.46 4.26 -13.05
N PRO A 238 4.78 5.12 -12.09
CA PRO A 238 4.01 6.36 -11.92
C PRO A 238 4.23 7.35 -13.07
N GLN A 239 3.13 7.98 -13.49
CA GLN A 239 3.17 9.02 -14.51
C GLN A 239 2.57 10.33 -14.00
N ASN A 240 1.37 10.31 -13.42
CA ASN A 240 0.78 11.51 -12.84
C ASN A 240 0.35 11.21 -11.40
N TYR A 241 1.13 11.70 -10.44
CA TYR A 241 0.98 11.32 -9.03
C TYR A 241 -0.34 11.77 -8.41
N ASN A 242 -0.96 12.84 -8.93
CA ASN A 242 -2.07 13.48 -8.22
C ASN A 242 -3.42 13.26 -8.91
N VAL A 243 -3.49 12.34 -9.85
CA VAL A 243 -4.73 12.10 -10.60
CA VAL A 243 -4.69 12.09 -10.66
C VAL A 243 -4.94 10.58 -10.62
N PRO A 244 -6.18 10.09 -10.63
CA PRO A 244 -6.38 8.65 -10.67
C PRO A 244 -5.99 8.05 -12.02
N GLU A 245 -5.81 6.73 -12.01
CA GLU A 245 -5.55 5.97 -13.23
C GLU A 245 -6.80 5.94 -14.10
N GLY A 246 -6.60 6.23 -15.39
CA GLY A 246 -7.72 6.34 -16.32
C GLY A 246 -8.41 5.01 -16.64
N SER A 247 -7.64 3.91 -16.70
CA SER A 247 -8.25 2.64 -17.07
C SER A 247 -9.21 2.09 -16.02
N TYR A 248 -9.21 2.63 -14.79
CA TYR A 248 -10.18 2.19 -13.81
C TYR A 248 -11.46 3.02 -13.86
N SER A 249 -11.58 3.94 -14.82
CA SER A 249 -12.80 4.71 -14.99
C SER A 249 -13.64 4.17 -16.15
N THR A 250 -14.94 4.46 -16.09
CA THR A 250 -15.84 4.06 -17.16
C THR A 250 -15.59 4.85 -18.45
N ASP A 251 -14.90 5.99 -18.36
CA ASP A 251 -14.58 6.76 -19.56
C ASP A 251 -13.26 7.47 -19.34
N PRO A 252 -12.15 6.86 -19.76
CA PRO A 252 -10.83 7.49 -19.58
C PRO A 252 -10.68 8.79 -20.35
N HIS A 253 -11.54 9.06 -21.34
CA HIS A 253 -11.48 10.28 -22.13
C HIS A 253 -12.18 11.44 -21.48
N ASN A 254 -13.02 11.18 -20.47
CA ASN A 254 -13.68 12.24 -19.73
C ASN A 254 -12.86 12.55 -18.48
N PRO A 255 -12.15 13.68 -18.42
CA PRO A 255 -11.24 13.92 -17.27
C PRO A 255 -11.94 13.83 -15.92
N ALA A 256 -13.21 14.21 -15.84
CA ALA A 256 -13.93 14.17 -14.57
C ALA A 256 -14.33 12.76 -14.15
N ALA A 257 -14.48 11.82 -15.09
CA ALA A 257 -15.11 10.54 -14.75
C ALA A 257 -14.29 9.78 -13.72
N ARG A 258 -12.99 9.65 -13.94
CA ARG A 258 -12.14 8.87 -13.03
C ARG A 258 -12.11 9.49 -11.64
N ILE A 259 -12.25 10.81 -11.55
CA ILE A 259 -12.21 11.49 -10.26
C ILE A 259 -13.51 11.24 -9.49
N LEU A 260 -14.65 11.49 -10.13
CA LEU A 260 -15.95 11.23 -9.49
C LEU A 260 -16.07 9.76 -9.07
N GLU A 261 -15.66 8.83 -9.94
CA GLU A 261 -15.88 7.42 -9.65
C GLU A 261 -14.97 6.91 -8.54
N LEU A 262 -13.74 7.41 -8.43
CA LEU A 262 -12.92 7.05 -7.27
C LEU A 262 -13.50 7.61 -5.99
N LYS A 263 -14.02 8.84 -6.02
CA LYS A 263 -14.66 9.38 -4.82
C LYS A 263 -15.91 8.58 -4.47
N ARG A 264 -16.64 8.10 -5.48
CA ARG A 264 -17.82 7.27 -5.23
C ARG A 264 -17.42 5.98 -4.53
N LEU A 265 -16.33 5.37 -5.01
CA LEU A 265 -15.80 4.17 -4.36
C LEU A 265 -15.45 4.45 -2.90
N ILE A 266 -14.71 5.53 -2.64
CA ILE A 266 -14.30 5.83 -1.27
C ILE A 266 -15.52 6.09 -0.40
N GLN A 267 -16.49 6.85 -0.93
CA GLN A 267 -17.70 7.15 -0.18
C GLN A 267 -18.44 5.87 0.20
N LYS A 268 -18.57 4.94 -0.74
CA LYS A 268 -19.30 3.70 -0.49
C LYS A 268 -18.58 2.82 0.51
N LEU A 269 -17.25 2.69 0.38
CA LEU A 269 -16.50 1.91 1.36
C LEU A 269 -16.69 2.46 2.77
N HIS A 270 -16.59 3.80 2.92
CA HIS A 270 -16.81 4.40 4.23
C HIS A 270 -18.20 4.07 4.77
N ALA A 271 -19.20 4.19 3.91
CA ALA A 271 -20.58 3.93 4.34
C ALA A 271 -20.78 2.47 4.75
N ARG A 272 -20.00 1.56 4.17
CA ARG A 272 -20.05 0.15 4.53
C ARG A 272 -19.08 -0.21 5.64
N GLY A 273 -18.46 0.76 6.29
CA GLY A 273 -17.62 0.50 7.43
C GLY A 273 -16.17 0.22 7.11
N LEU A 274 -15.71 0.50 5.89
CA LEU A 274 -14.34 0.23 5.48
C LEU A 274 -13.56 1.53 5.31
N ARG A 275 -12.27 1.48 5.65
CA ARG A 275 -11.32 2.54 5.34
C ARG A 275 -10.49 2.15 4.11
N VAL A 276 -9.85 3.14 3.48
CA VAL A 276 -9.09 2.93 2.25
C VAL A 276 -7.65 3.35 2.46
N ILE A 277 -6.71 2.47 2.14
CA ILE A 277 -5.28 2.77 2.15
C ILE A 277 -4.80 2.80 0.70
N MET A 278 -4.03 3.82 0.35
N MET A 278 -4.02 3.82 0.37
CA MET A 278 -3.51 4.00 -1.00
CA MET A 278 -3.52 3.99 -0.99
C MET A 278 -2.06 3.53 -1.05
C MET A 278 -2.06 3.55 -1.07
N ASP A 279 -1.77 2.60 -1.95
CA ASP A 279 -0.38 2.25 -2.27
C ASP A 279 0.23 3.39 -3.07
N VAL A 280 1.27 4.04 -2.54
CA VAL A 280 1.89 5.18 -3.22
C VAL A 280 3.35 4.87 -3.51
N VAL A 281 3.83 5.41 -4.64
CA VAL A 281 5.12 5.03 -5.20
C VAL A 281 5.92 6.30 -5.48
N TYR A 282 6.30 7.00 -4.40
CA TYR A 282 7.06 8.25 -4.56
C TYR A 282 8.54 8.01 -4.76
N ASN A 283 8.98 6.75 -4.79
CA ASN A 283 10.40 6.45 -4.87
C ASN A 283 10.95 6.45 -6.29
N HIS A 284 10.10 6.37 -7.32
CA HIS A 284 10.58 6.38 -8.70
C HIS A 284 9.44 6.75 -9.64
N VAL A 285 9.81 7.05 -10.88
CA VAL A 285 8.83 7.36 -11.92
C VAL A 285 8.97 6.35 -13.06
N TYR A 286 7.97 6.32 -13.94
CA TYR A 286 7.94 5.29 -14.98
C TYR A 286 9.15 5.38 -15.90
N ASP A 287 9.63 6.58 -16.19
CA ASP A 287 10.78 6.74 -17.08
C ASP A 287 11.48 8.05 -16.75
N GLY A 288 12.72 7.95 -16.27
CA GLY A 288 13.43 9.13 -15.80
C GLY A 288 13.74 10.15 -16.87
N TYR A 289 13.75 9.74 -18.14
CA TYR A 289 14.01 10.67 -19.24
C TYR A 289 12.74 11.31 -19.77
N LEU A 290 11.61 10.60 -19.76
CA LEU A 290 10.38 11.13 -20.34
C LEU A 290 9.47 11.82 -19.34
N ILE A 291 9.66 11.61 -18.03
CA ILE A 291 8.77 12.18 -17.03
C ILE A 291 8.78 13.72 -17.11
N HIS A 292 7.64 14.33 -16.77
CA HIS A 292 7.53 15.78 -16.76
C HIS A 292 8.62 16.44 -15.92
N PHE A 293 8.94 15.88 -14.74
CA PHE A 293 10.01 16.43 -13.90
C PHE A 293 11.27 16.72 -14.71
N THR A 294 11.70 15.74 -15.51
CA THR A 294 12.96 15.86 -16.22
C THR A 294 12.85 16.80 -17.41
N LYS A 295 11.68 16.89 -18.03
CA LYS A 295 11.53 17.84 -19.13
C LYS A 295 11.47 19.28 -18.62
N LEU A 296 10.94 19.50 -17.42
CA LEU A 296 10.76 20.85 -16.92
C LEU A 296 11.96 21.35 -16.11
N VAL A 297 12.52 20.51 -15.23
CA VAL A 297 13.68 20.89 -14.44
C VAL A 297 14.66 19.73 -14.46
N PRO A 298 15.32 19.48 -15.58
CA PRO A 298 16.20 18.32 -15.65
C PRO A 298 17.31 18.41 -14.62
N GLY A 299 17.54 17.28 -13.94
CA GLY A 299 18.62 17.17 -12.98
C GLY A 299 18.20 17.36 -11.54
N TYR A 300 16.96 17.76 -11.28
CA TYR A 300 16.55 18.14 -9.92
C TYR A 300 15.74 17.06 -9.19
N TYR A 301 14.65 16.58 -9.79
CA TYR A 301 13.69 15.79 -9.03
C TYR A 301 14.12 14.33 -8.83
N LEU A 302 15.08 13.85 -9.60
CA LEU A 302 15.59 12.49 -9.51
C LEU A 302 17.00 12.50 -8.91
N ARG A 303 17.38 11.38 -8.29
CA ARG A 303 18.67 11.27 -7.59
C ARG A 303 19.78 10.86 -8.54
N TYR A 304 20.90 11.58 -8.48
CA TYR A 304 22.05 11.35 -9.34
C TYR A 304 23.24 10.86 -8.53
N LYS A 305 23.98 9.91 -9.10
CA LYS A 305 25.29 9.57 -8.58
C LYS A 305 26.28 10.68 -8.86
N ALA A 306 27.49 10.53 -8.29
CA ALA A 306 28.52 11.55 -8.45
C ALA A 306 28.96 11.72 -9.89
N ASP A 307 28.79 10.70 -10.73
CA ASP A 307 29.16 10.80 -12.14
C ASP A 307 28.00 11.28 -13.01
N ARG A 308 26.91 11.74 -12.37
CA ARG A 308 25.77 12.36 -13.05
C ARG A 308 24.93 11.35 -13.82
N THR A 309 24.96 10.08 -13.42
CA THR A 309 23.99 9.08 -13.86
C THR A 309 22.94 8.87 -12.79
N PHE A 310 21.80 8.31 -13.21
CA PHE A 310 20.72 8.03 -12.27
C PHE A 310 21.17 7.03 -11.22
N SER A 311 20.88 7.32 -9.95
CA SER A 311 20.93 6.28 -8.94
C SER A 311 19.77 5.32 -9.17
N ASP A 312 20.04 4.02 -9.17
CA ASP A 312 19.04 3.00 -9.56
C ASP A 312 18.89 1.96 -8.46
N GLY A 313 18.76 2.42 -7.22
CA GLY A 313 18.56 1.50 -6.11
C GLY A 313 17.17 0.89 -6.04
N THR A 314 16.21 1.43 -6.80
CA THR A 314 14.88 0.84 -6.96
C THR A 314 14.85 -0.31 -7.95
N PHE A 315 15.90 -0.48 -8.77
CA PHE A 315 15.91 -1.40 -9.91
C PHE A 315 14.81 -1.09 -10.92
N CYS A 316 14.28 0.13 -10.91
CA CYS A 316 13.33 0.57 -11.92
C CYS A 316 13.91 1.62 -12.86
N GLY A 317 15.18 1.96 -12.70
CA GLY A 317 15.87 2.91 -13.56
C GLY A 317 16.17 4.23 -12.90
N ASN A 318 15.44 4.60 -11.85
CA ASN A 318 15.61 5.94 -11.29
C ASN A 318 15.11 5.92 -9.86
N GLU A 319 15.48 6.96 -9.11
CA GLU A 319 14.99 7.22 -7.76
C GLU A 319 14.57 8.68 -7.70
N CYS A 320 13.47 8.96 -7.00
CA CYS A 320 13.10 10.34 -6.74
C CYS A 320 13.96 10.92 -5.62
N ALA A 321 14.35 12.18 -5.76
CA ALA A 321 15.25 12.85 -4.81
C ALA A 321 14.41 13.53 -3.72
N SER A 322 13.76 12.69 -2.92
CA SER A 322 12.85 13.18 -1.88
C SER A 322 13.53 14.15 -0.92
N GLU A 323 14.85 14.03 -0.76
CA GLU A 323 15.58 14.87 0.20
C GLU A 323 15.83 16.27 -0.31
N ARG A 324 15.57 16.54 -1.59
CA ARG A 324 15.71 17.91 -2.05
C ARG A 324 14.41 18.67 -1.81
N PRO A 325 14.51 19.90 -1.28
CA PRO A 325 13.33 20.54 -0.67
C PRO A 325 12.12 20.66 -1.56
N ILE A 326 12.30 20.92 -2.85
CA ILE A 326 11.13 21.10 -3.72
C ILE A 326 10.50 19.75 -4.02
N MET A 327 11.28 18.67 -4.03
CA MET A 327 10.66 17.37 -4.18
C MET A 327 10.02 16.91 -2.87
N ARG A 328 10.66 17.21 -1.74
CA ARG A 328 10.01 16.95 -0.46
C ARG A 328 8.66 17.64 -0.39
N LYS A 329 8.61 18.91 -0.75
CA LYS A 329 7.37 19.66 -0.81
C LYS A 329 6.38 19.01 -1.78
N TYR A 330 6.86 18.56 -2.94
CA TYR A 330 5.97 17.91 -3.91
C TYR A 330 5.31 16.68 -3.30
N ILE A 331 6.10 15.82 -2.67
CA ILE A 331 5.55 14.58 -2.12
C ILE A 331 4.55 14.86 -1.02
N ILE A 332 4.88 15.80 -0.12
CA ILE A 332 3.98 16.11 0.99
C ILE A 332 2.68 16.70 0.46
N GLU A 333 2.75 17.66 -0.47
CA GLU A 333 1.52 18.25 -1.02
C GLU A 333 0.71 17.24 -1.82
N SER A 334 1.38 16.27 -2.44
CA SER A 334 0.65 15.20 -3.13
C SER A 334 -0.15 14.37 -2.13
N ILE A 335 0.50 13.94 -1.04
CA ILE A 335 -0.20 13.15 -0.03
C ILE A 335 -1.39 13.93 0.54
N LEU A 336 -1.17 15.22 0.83
CA LEU A 336 -2.25 16.03 1.38
C LEU A 336 -3.38 16.20 0.38
N HIS A 337 -3.06 16.26 -0.91
CA HIS A 337 -4.12 16.27 -1.93
C HIS A 337 -4.97 15.01 -1.84
N TRP A 338 -4.33 13.84 -1.73
CA TRP A 338 -5.12 12.61 -1.66
C TRP A 338 -5.94 12.57 -0.37
N VAL A 339 -5.40 13.06 0.73
CA VAL A 339 -6.15 13.10 1.98
C VAL A 339 -7.34 14.05 1.88
N ARG A 340 -7.11 15.27 1.38
CA ARG A 340 -8.13 16.32 1.41
C ARG A 340 -9.14 16.18 0.27
N GLU A 341 -8.65 15.94 -0.95
CA GLU A 341 -9.55 15.87 -2.09
C GLU A 341 -10.33 14.55 -2.09
N TYR A 342 -9.67 13.44 -1.74
CA TYR A 342 -10.27 12.13 -1.92
C TYR A 342 -10.63 11.42 -0.61
N HIS A 343 -10.34 12.03 0.56
CA HIS A 343 -10.70 11.48 1.87
C HIS A 343 -10.01 10.13 2.15
N ILE A 344 -8.79 9.95 1.63
CA ILE A 344 -8.06 8.70 1.82
C ILE A 344 -7.64 8.54 3.28
N ASP A 345 -7.62 7.28 3.75
CA ASP A 345 -7.45 6.96 5.17
C ASP A 345 -6.06 6.42 5.51
N GLY A 346 -5.17 6.28 4.54
CA GLY A 346 -3.87 5.72 4.87
C GLY A 346 -3.06 5.60 3.61
N PHE A 347 -1.76 5.38 3.80
CA PHE A 347 -0.84 5.24 2.69
C PHE A 347 0.11 4.10 2.97
N ARG A 348 0.38 3.29 1.96
CA ARG A 348 1.42 2.28 2.00
C ARG A 348 2.55 2.74 1.08
N PHE A 349 3.72 2.98 1.65
CA PHE A 349 4.83 3.58 0.90
C PHE A 349 5.69 2.47 0.30
N ASP A 350 5.55 2.28 -1.01
CA ASP A 350 6.45 1.46 -1.81
C ASP A 350 7.90 1.87 -1.58
N LEU A 351 8.78 0.88 -1.39
CA LEU A 351 10.21 1.10 -1.15
C LEU A 351 10.47 2.35 -0.31
N MET A 352 9.89 2.34 0.88
CA MET A 352 10.05 3.47 1.80
C MET A 352 11.51 3.73 2.13
N GLY A 353 12.36 2.71 2.08
CA GLY A 353 13.79 2.89 2.33
C GLY A 353 14.50 3.78 1.31
N MET A 354 13.83 4.10 0.20
CA MET A 354 14.34 5.05 -0.79
C MET A 354 13.89 6.48 -0.48
N ILE A 355 13.05 6.66 0.52
CA ILE A 355 12.60 7.98 0.94
C ILE A 355 13.38 8.36 2.19
N ASP A 356 13.66 9.65 2.35
CA ASP A 356 14.47 10.07 3.48
C ASP A 356 13.59 10.26 4.72
N ILE A 357 14.24 10.15 5.89
CA ILE A 357 13.55 10.15 7.18
C ILE A 357 12.87 11.48 7.46
N GLU A 358 13.53 12.59 7.15
CA GLU A 358 12.90 13.89 7.38
C GLU A 358 11.59 14.00 6.60
N THR A 359 11.59 13.55 5.34
CA THR A 359 10.36 13.59 4.55
C THR A 359 9.27 12.73 5.18
N MET A 360 9.62 11.50 5.58
CA MET A 360 8.62 10.61 6.16
C MET A 360 8.07 11.18 7.47
N ASN A 361 8.94 11.74 8.32
CA ASN A 361 8.46 12.29 9.59
C ASN A 361 7.60 13.53 9.39
N GLU A 362 7.92 14.35 8.38
N GLU A 362 7.93 14.35 8.39
CA GLU A 362 7.08 15.52 8.13
CA GLU A 362 7.09 15.52 8.11
C GLU A 362 5.71 15.09 7.60
C GLU A 362 5.71 15.09 7.60
N ILE A 363 5.68 14.07 6.75
CA ILE A 363 4.39 13.51 6.30
C ILE A 363 3.57 13.07 7.50
N ARG A 364 4.18 12.29 8.39
CA ARG A 364 3.47 11.79 9.58
C ARG A 364 2.98 12.96 10.43
N ARG A 365 3.79 14.01 10.55
CA ARG A 365 3.42 15.18 11.34
C ARG A 365 2.22 15.89 10.72
N ARG A 366 2.27 16.13 9.40
CA ARG A 366 1.18 16.85 8.74
C ARG A 366 -0.13 16.05 8.79
N LEU A 367 -0.05 14.72 8.66
CA LEU A 367 -1.25 13.90 8.77
C LEU A 367 -1.81 13.90 10.19
N ASP A 368 -0.94 13.95 11.20
CA ASP A 368 -1.41 13.95 12.58
C ASP A 368 -2.17 15.23 12.90
N GLU A 369 -1.82 16.32 12.21
CA GLU A 369 -2.57 17.56 12.38
C GLU A 369 -3.98 17.45 11.83
N ILE A 370 -4.18 16.60 10.84
CA ILE A 370 -5.49 16.43 10.22
C ILE A 370 -6.31 15.34 10.92
N ASP A 371 -5.71 14.17 11.07
CA ASP A 371 -6.38 12.99 11.63
C ASP A 371 -5.33 11.95 11.96
N PRO A 372 -4.97 11.81 13.25
CA PRO A 372 -3.93 10.85 13.61
C PRO A 372 -4.29 9.41 13.30
N THR A 373 -5.56 9.09 13.06
CA THR A 373 -5.95 7.72 12.73
C THR A 373 -5.59 7.36 11.29
N ILE A 374 -5.13 8.31 10.49
CA ILE A 374 -4.67 7.98 9.15
C ILE A 374 -3.41 7.12 9.25
N LEU A 375 -3.42 5.99 8.54
CA LEU A 375 -2.32 5.03 8.63
C LEU A 375 -1.15 5.41 7.73
N THR A 376 0.06 5.15 8.19
CA THR A 376 1.25 5.21 7.35
C THR A 376 2.05 3.95 7.59
N ILE A 377 2.16 3.09 6.58
CA ILE A 377 3.02 1.91 6.63
C ILE A 377 3.88 1.91 5.36
N GLY A 378 4.90 1.06 5.34
CA GLY A 378 5.78 1.07 4.18
C GLY A 378 6.70 -0.13 4.14
N GLU A 379 7.31 -0.30 2.97
CA GLU A 379 8.39 -1.27 2.78
C GLU A 379 9.68 -0.65 3.28
N GLY A 380 10.05 -0.94 4.53
CA GLY A 380 11.28 -0.42 5.09
C GLY A 380 12.50 -1.29 4.81
N TRP A 381 12.67 -1.73 3.56
CA TRP A 381 13.79 -2.62 3.25
C TRP A 381 15.11 -1.85 3.22
N MET A 382 16.18 -2.54 3.60
CA MET A 382 17.52 -1.96 3.59
C MET A 382 18.12 -2.14 2.21
N MET A 383 18.18 -1.05 1.44
CA MET A 383 18.58 -1.11 0.04
C MET A 383 19.57 0.01 -0.26
N GLU A 384 20.55 -0.30 -1.08
CA GLU A 384 21.59 0.69 -1.39
C GLU A 384 21.04 1.77 -2.31
N THR A 385 21.59 2.97 -2.14
CA THR A 385 21.24 4.18 -2.88
C THR A 385 22.30 5.22 -2.58
N VAL A 386 22.35 6.27 -3.41
CA VAL A 386 23.23 7.39 -3.08
C VAL A 386 22.74 8.16 -1.86
N LEU A 387 21.45 8.04 -1.50
CA LEU A 387 20.97 8.62 -0.25
C LEU A 387 21.76 8.06 0.93
N PRO A 388 22.36 8.90 1.78
CA PRO A 388 23.18 8.37 2.87
C PRO A 388 22.41 7.41 3.77
N LYS A 389 23.13 6.43 4.31
CA LYS A 389 22.51 5.35 5.07
C LYS A 389 21.69 5.88 6.26
N GLU A 390 22.22 6.88 6.96
CA GLU A 390 21.50 7.37 8.14
C GLU A 390 20.22 8.12 7.80
N LEU A 391 19.95 8.40 6.51
CA LEU A 391 18.73 9.10 6.13
C LEU A 391 17.66 8.20 5.54
N ARG A 392 17.95 6.92 5.29
CA ARG A 392 16.99 6.04 4.64
C ARG A 392 15.90 5.63 5.62
N ALA A 393 14.64 5.72 5.18
CA ALA A 393 13.51 5.42 6.06
C ALA A 393 13.22 3.91 6.04
N ASN A 394 14.11 3.15 6.69
CA ASN A 394 14.02 1.70 6.65
C ASN A 394 14.10 1.13 8.07
N GLN A 395 14.10 -0.20 8.16
CA GLN A 395 14.01 -0.87 9.45
C GLN A 395 15.18 -0.52 10.35
N ASP A 396 16.38 -0.38 9.77
CA ASP A 396 17.55 -0.03 10.55
C ASP A 396 17.42 1.32 11.25
N ASN A 397 16.51 2.16 10.77
CA ASN A 397 16.30 3.50 11.31
C ASN A 397 14.92 3.67 11.91
N ALA A 398 14.26 2.55 12.26
CA ALA A 398 12.87 2.62 12.68
C ALA A 398 12.72 3.38 13.99
N GLU A 399 13.76 3.40 14.83
CA GLU A 399 13.75 4.22 16.03
C GLU A 399 13.50 5.68 15.72
N LYS A 400 13.86 6.14 14.52
CA LYS A 400 13.72 7.54 14.14
C LYS A 400 12.40 7.84 13.43
N LEU A 401 11.53 6.83 13.29
CA LEU A 401 10.30 6.93 12.50
C LEU A 401 9.10 6.52 13.34
N PRO A 402 8.81 7.22 14.45
CA PRO A 402 7.72 6.80 15.31
C PRO A 402 6.38 6.86 14.59
N GLY A 403 5.52 5.88 14.87
CA GLY A 403 4.18 5.85 14.34
C GLY A 403 4.06 5.34 12.92
N ILE A 404 5.15 4.89 12.32
CA ILE A 404 5.15 4.44 10.93
C ILE A 404 5.37 2.94 10.92
N GLY A 405 4.44 2.21 10.32
CA GLY A 405 4.53 0.76 10.29
C GLY A 405 5.41 0.28 9.16
N MET A 406 6.08 -0.87 9.39
CA MET A 406 6.90 -1.50 8.35
C MET A 406 6.56 -2.98 8.27
N PHE A 407 6.50 -3.50 7.04
CA PHE A 407 6.26 -4.92 6.83
C PHE A 407 7.32 -5.75 7.53
N ASN A 408 6.88 -6.73 8.31
CA ASN A 408 7.79 -7.56 9.10
C ASN A 408 8.20 -8.76 8.26
N ASP A 409 9.30 -8.63 7.52
CA ASP A 409 9.74 -9.76 6.69
C ASP A 409 10.34 -10.88 7.52
N GLY A 410 10.89 -10.56 8.71
CA GLY A 410 11.40 -11.63 9.55
C GLY A 410 10.31 -12.60 9.94
N MET A 411 9.15 -12.05 10.34
N MET A 411 9.16 -12.05 10.34
CA MET A 411 8.01 -12.88 10.68
CA MET A 411 8.01 -12.88 10.68
C MET A 411 7.48 -13.64 9.47
C MET A 411 7.48 -13.64 9.47
N ARG A 412 7.40 -12.96 8.32
CA ARG A 412 6.92 -13.59 7.10
C ARG A 412 7.74 -14.84 6.75
N ASP A 413 9.07 -14.70 6.70
CA ASP A 413 9.92 -15.82 6.30
C ASP A 413 9.93 -16.91 7.36
N ALA A 414 9.86 -16.55 8.64
CA ALA A 414 9.86 -17.58 9.67
C ALA A 414 8.62 -18.46 9.59
N VAL A 415 7.48 -17.86 9.25
CA VAL A 415 6.21 -18.60 9.22
C VAL A 415 6.16 -19.52 7.99
N LYS A 416 6.30 -18.96 6.78
CA LYS A 416 6.08 -19.76 5.58
C LYS A 416 7.36 -20.20 4.87
N GLY A 417 8.53 -19.75 5.33
CA GLY A 417 9.78 -20.10 4.67
C GLY A 417 10.27 -18.99 3.75
N ASP A 418 11.54 -19.11 3.35
CA ASP A 418 12.22 -18.11 2.55
C ASP A 418 11.49 -17.83 1.24
N ILE A 419 11.08 -16.58 1.02
CA ILE A 419 10.35 -16.27 -0.21
C ILE A 419 11.26 -16.30 -1.44
N PHE A 420 12.58 -16.25 -1.28
CA PHE A 420 13.47 -16.26 -2.43
C PHE A 420 14.06 -17.62 -2.74
N ILE A 421 14.02 -18.56 -1.81
CA ILE A 421 14.44 -19.94 -2.07
C ILE A 421 13.17 -20.77 -2.00
N PHE A 422 12.59 -21.04 -3.17
CA PHE A 422 11.18 -21.43 -3.24
C PHE A 422 10.90 -22.71 -2.45
N ASP A 423 11.80 -23.67 -2.50
CA ASP A 423 11.50 -24.95 -1.87
C ASP A 423 11.83 -24.98 -0.38
N ARG A 424 12.34 -23.90 0.18
CA ARG A 424 12.77 -23.89 1.58
C ARG A 424 11.56 -23.84 2.51
N LYS A 425 11.48 -24.78 3.46
CA LYS A 425 10.38 -24.83 4.41
C LYS A 425 10.53 -23.74 5.47
N GLY A 426 9.41 -23.41 6.11
CA GLY A 426 9.44 -22.60 7.32
C GLY A 426 8.72 -23.27 8.48
N PHE A 427 8.24 -22.47 9.43
CA PHE A 427 7.60 -23.03 10.62
C PHE A 427 6.38 -23.90 10.25
N ILE A 428 5.47 -23.36 9.44
CA ILE A 428 4.19 -24.04 9.19
C ILE A 428 4.40 -25.36 8.46
N SER A 429 5.46 -25.46 7.65
CA SER A 429 5.67 -26.61 6.78
C SER A 429 6.66 -27.61 7.36
N GLY A 430 6.99 -27.49 8.64
CA GLY A 430 7.81 -28.50 9.28
C GLY A 430 9.29 -28.28 9.22
N GLY A 431 9.75 -27.08 8.90
CA GLY A 431 11.16 -26.78 8.95
C GLY A 431 11.67 -26.71 10.39
N ASP A 432 12.98 -26.86 10.54
CA ASP A 432 13.59 -26.85 11.88
C ASP A 432 14.09 -25.47 12.25
N GLY A 433 13.87 -25.08 13.51
CA GLY A 433 14.52 -23.90 14.06
C GLY A 433 13.88 -22.58 13.74
N PHE A 434 12.60 -22.57 13.35
CA PHE A 434 11.90 -21.33 13.02
C PHE A 434 11.09 -20.78 14.18
N GLU A 435 11.12 -21.45 15.34
CA GLU A 435 10.22 -21.08 16.43
C GLU A 435 10.52 -19.69 16.98
N ASP A 436 11.80 -19.34 17.16
CA ASP A 436 12.12 -18.01 17.68
C ASP A 436 11.71 -16.91 16.71
N GLY A 437 11.84 -17.16 15.40
CA GLY A 437 11.37 -16.19 14.42
C GLY A 437 9.88 -15.93 14.52
N VAL A 438 9.09 -16.99 14.75
CA VAL A 438 7.66 -16.81 14.96
C VAL A 438 7.40 -16.05 16.27
N LYS A 439 8.13 -16.40 17.33
CA LYS A 439 7.98 -15.71 18.60
C LYS A 439 8.26 -14.22 18.47
N ARG A 440 9.32 -13.86 17.74
CA ARG A 440 9.64 -12.45 17.54
C ARG A 440 8.48 -11.70 16.90
N GLY A 441 7.81 -12.33 15.95
CA GLY A 441 6.65 -11.72 15.32
C GLY A 441 5.43 -11.68 16.23
N VAL A 442 5.21 -12.74 17.01
CA VAL A 442 4.12 -12.73 18.00
C VAL A 442 4.21 -11.51 18.90
N ALA A 443 5.43 -11.18 19.34
CA ALA A 443 5.64 -10.03 20.21
C ALA A 443 5.56 -8.68 19.49
N GLY A 444 5.13 -8.65 18.24
CA GLY A 444 5.02 -7.37 17.56
C GLY A 444 6.33 -6.81 17.04
N GLY A 445 7.36 -7.64 16.93
CA GLY A 445 8.65 -7.16 16.44
C GLY A 445 9.41 -6.26 17.38
N ILE A 446 8.97 -6.11 18.64
CA ILE A 446 9.59 -5.18 19.58
C ILE A 446 10.84 -5.79 20.20
N ASN A 447 11.53 -5.01 21.02
CA ASN A 447 12.60 -5.58 21.85
C ASN A 447 11.94 -6.21 23.07
N TYR A 448 11.56 -7.48 22.92
CA TYR A 448 10.83 -8.18 23.97
C TYR A 448 11.78 -8.60 25.09
N GLY A 449 12.92 -9.17 24.74
CA GLY A 449 13.91 -9.59 25.71
C GLY A 449 14.75 -10.71 25.13
N GLY A 450 16.01 -10.77 25.56
CA GLY A 450 16.92 -11.78 25.05
C GLY A 450 17.07 -11.69 23.55
N GLN A 451 16.99 -12.84 22.88
CA GLN A 451 17.07 -12.87 21.43
C GLN A 451 15.75 -12.54 20.75
N LEU A 452 14.67 -12.35 21.51
CA LEU A 452 13.38 -11.99 20.92
C LEU A 452 13.35 -10.47 20.77
N ARG A 453 13.93 -10.01 19.68
CA ARG A 453 13.95 -8.60 19.33
C ARG A 453 13.99 -8.44 17.83
N GLN A 454 13.26 -7.45 17.33
CA GLN A 454 13.39 -7.04 15.93
C GLN A 454 13.55 -5.52 15.87
N PHE A 455 13.06 -4.89 14.80
CA PHE A 455 13.34 -3.48 14.56
C PHE A 455 12.36 -2.53 15.25
N ALA A 456 11.23 -3.01 15.76
CA ALA A 456 10.18 -2.10 16.20
C ALA A 456 10.45 -1.62 17.62
N VAL A 457 10.17 -0.34 17.86
CA VAL A 457 10.11 0.18 19.22
C VAL A 457 8.75 -0.14 19.83
N GLU A 458 7.69 0.05 19.07
CA GLU A 458 6.30 -0.13 19.46
C GLU A 458 5.61 -1.04 18.46
N PRO A 459 4.61 -1.82 18.88
CA PRO A 459 3.99 -2.78 17.97
C PRO A 459 3.27 -2.12 16.80
N VAL A 460 2.93 -0.83 16.90
CA VAL A 460 2.35 -0.12 15.77
C VAL A 460 3.32 0.02 14.61
N GLN A 461 4.57 -0.34 14.81
CA GLN A 461 5.55 -0.27 13.72
C GLN A 461 5.72 -1.58 12.96
N SER A 462 4.94 -2.62 13.30
CA SER A 462 5.15 -3.94 12.72
C SER A 462 3.88 -4.41 12.00
N VAL A 463 3.99 -4.63 10.70
CA VAL A 463 2.89 -5.15 9.89
C VAL A 463 3.16 -6.62 9.61
N ASN A 464 2.26 -7.49 10.06
CA ASN A 464 2.41 -8.93 9.94
C ASN A 464 1.66 -9.45 8.72
N TYR A 465 2.30 -10.33 7.95
CA TYR A 465 1.69 -10.85 6.74
C TYR A 465 2.42 -12.11 6.29
N VAL A 466 1.70 -12.95 5.53
CA VAL A 466 2.32 -14.14 4.95
C VAL A 466 1.98 -14.20 3.47
N GLU A 467 1.38 -13.14 2.95
CA GLU A 467 1.06 -13.05 1.52
C GLU A 467 0.82 -11.59 1.17
N CYS A 468 1.26 -11.22 -0.03
CA CYS A 468 0.96 -9.91 -0.59
C CYS A 468 1.08 -10.06 -2.11
N HIS A 469 0.92 -8.94 -2.83
CA HIS A 469 0.98 -9.04 -4.30
C HIS A 469 2.35 -9.54 -4.79
N ASP A 470 3.41 -9.25 -4.04
CA ASP A 470 4.76 -9.67 -4.44
C ASP A 470 4.98 -11.15 -4.11
N ASN A 471 5.83 -11.79 -4.92
CA ASN A 471 6.33 -13.15 -4.67
C ASN A 471 5.18 -14.15 -4.74
N HIS A 472 5.45 -15.42 -4.42
CA HIS A 472 4.41 -16.44 -4.51
C HIS A 472 3.32 -16.17 -3.49
N THR A 473 2.10 -16.55 -3.85
CA THR A 473 1.05 -16.57 -2.84
C THR A 473 1.42 -17.59 -1.77
N LEU A 474 0.76 -17.48 -0.62
CA LEU A 474 1.01 -18.42 0.47
C LEU A 474 0.76 -19.85 0.02
N TRP A 475 -0.35 -20.09 -0.69
CA TRP A 475 -0.64 -21.43 -1.19
C TRP A 475 0.48 -21.91 -2.11
N ASP A 476 0.90 -21.06 -3.05
CA ASP A 476 1.90 -21.48 -4.03
C ASP A 476 3.26 -21.72 -3.38
N LYS A 477 3.61 -20.90 -2.38
CA LYS A 477 4.86 -21.12 -1.64
C LYS A 477 4.82 -22.42 -0.86
N ILE A 478 3.70 -22.70 -0.20
CA ILE A 478 3.56 -23.97 0.52
C ILE A 478 3.72 -25.14 -0.42
N GLU A 479 3.08 -25.06 -1.60
CA GLU A 479 3.17 -26.16 -2.57
C GLU A 479 4.61 -26.43 -2.99
N LEU A 480 5.36 -25.37 -3.32
CA LEU A 480 6.75 -25.52 -3.75
C LEU A 480 7.66 -26.01 -2.63
N SER A 481 7.30 -25.81 -1.37
CA SER A 481 8.17 -26.24 -0.28
C SER A 481 7.71 -27.52 0.41
N THR A 482 6.60 -28.12 -0.02
CA THR A 482 6.08 -29.35 0.58
C THR A 482 5.75 -30.38 -0.50
N PRO A 483 6.71 -30.74 -1.36
CA PRO A 483 6.39 -31.69 -2.43
C PRO A 483 5.86 -33.03 -1.94
N GLY A 484 6.18 -33.45 -0.72
CA GLY A 484 5.70 -34.70 -0.22
C GLY A 484 4.38 -34.66 0.53
N ALA A 485 3.68 -33.53 0.52
CA ALA A 485 2.45 -33.35 1.27
C ALA A 485 1.23 -33.47 0.36
N SER A 486 0.10 -33.83 0.97
CA SER A 486 -1.18 -33.76 0.28
C SER A 486 -1.76 -32.36 0.38
N ASP A 487 -2.74 -32.06 -0.49
CA ASP A 487 -3.35 -30.74 -0.45
C ASP A 487 -4.11 -30.52 0.85
N GLU A 488 -4.61 -31.60 1.45
CA GLU A 488 -5.30 -31.46 2.73
C GLU A 488 -4.31 -31.09 3.84
N GLU A 489 -3.09 -31.63 3.78
CA GLU A 489 -2.06 -31.23 4.73
C GLU A 489 -1.63 -29.78 4.49
N ARG A 490 -1.51 -29.39 3.21
CA ARG A 490 -1.11 -28.02 2.89
C ARG A 490 -2.18 -27.01 3.30
N ARG A 491 -3.46 -27.39 3.19
CA ARG A 491 -4.53 -26.51 3.64
C ARG A 491 -4.45 -26.25 5.12
N ALA A 492 -4.10 -27.26 5.92
CA ALA A 492 -3.88 -27.03 7.35
C ALA A 492 -2.74 -26.05 7.59
N MET A 493 -1.62 -26.20 6.85
CA MET A 493 -0.50 -25.28 7.01
C MET A 493 -0.90 -23.86 6.63
N HIS A 494 -1.67 -23.72 5.55
CA HIS A 494 -2.15 -22.42 5.10
C HIS A 494 -3.01 -21.75 6.18
N ARG A 495 -3.99 -22.49 6.71
CA ARG A 495 -4.83 -21.95 7.77
C ARG A 495 -4.01 -21.55 8.99
N LEU A 496 -3.01 -22.35 9.34
CA LEU A 496 -2.15 -21.98 10.46
C LEU A 496 -1.43 -20.66 10.22
N ALA A 497 -0.89 -20.48 9.01
CA ALA A 497 -0.18 -19.24 8.73
C ALA A 497 -1.09 -18.03 8.89
N SER A 498 -2.33 -18.12 8.40
CA SER A 498 -3.27 -17.01 8.57
C SER A 498 -3.57 -16.76 10.04
N ALA A 499 -3.68 -17.83 10.83
CA ALA A 499 -3.97 -17.70 12.25
C ALA A 499 -2.84 -16.98 12.97
N ILE A 500 -1.60 -17.28 12.59
CA ILE A 500 -0.46 -16.63 13.23
C ILE A 500 -0.51 -15.13 12.99
N VAL A 501 -0.76 -14.72 11.75
CA VAL A 501 -0.87 -13.30 11.43
C VAL A 501 -1.92 -12.63 12.32
N LEU A 502 -3.09 -13.27 12.46
CA LEU A 502 -4.21 -12.63 13.14
C LEU A 502 -4.15 -12.77 14.67
N THR A 503 -3.24 -13.54 15.23
CA THR A 503 -3.09 -13.60 16.69
C THR A 503 -1.75 -13.04 17.18
N SER A 504 -0.97 -12.41 16.31
CA SER A 504 0.26 -11.75 16.71
C SER A 504 0.01 -10.29 17.00
N GLN A 505 0.82 -9.72 17.91
CA GLN A 505 0.79 -8.29 18.17
C GLN A 505 1.28 -7.54 16.92
N GLY A 506 0.79 -6.31 16.77
CA GLY A 506 1.08 -5.53 15.58
C GLY A 506 -0.13 -5.33 14.68
N ILE A 507 0.10 -5.14 13.39
CA ILE A 507 -0.97 -4.80 12.44
C ILE A 507 -1.13 -5.94 11.44
N PRO A 508 -2.25 -6.66 11.45
CA PRO A 508 -2.39 -7.81 10.53
C PRO A 508 -2.75 -7.37 9.12
N PHE A 509 -2.19 -8.07 8.14
CA PHE A 509 -2.27 -7.71 6.73
C PHE A 509 -2.54 -8.98 5.95
N LEU A 510 -3.62 -8.98 5.19
CA LEU A 510 -4.04 -10.11 4.37
C LEU A 510 -4.02 -9.70 2.90
N HIS A 511 -3.63 -10.63 2.04
CA HIS A 511 -3.71 -10.41 0.60
C HIS A 511 -5.08 -10.85 0.12
N ALA A 512 -5.71 -10.04 -0.74
CA ALA A 512 -7.02 -10.44 -1.29
C ALA A 512 -6.95 -11.84 -1.90
N GLY A 513 -7.86 -12.72 -1.50
CA GLY A 513 -7.88 -14.09 -1.97
C GLY A 513 -7.15 -15.07 -1.07
N GLN A 514 -6.33 -14.59 -0.14
CA GLN A 514 -5.71 -15.48 0.85
C GLN A 514 -6.79 -16.30 1.55
N GLU A 515 -7.96 -15.70 1.78
CA GLU A 515 -9.07 -16.40 2.43
C GLU A 515 -9.54 -17.62 1.67
N PHE A 516 -9.35 -17.67 0.34
CA PHE A 516 -9.67 -18.89 -0.39
C PHE A 516 -8.44 -19.51 -1.03
N MET A 517 -7.29 -19.37 -0.36
N MET A 517 -7.29 -19.41 -0.36
CA MET A 517 -6.04 -20.03 -0.76
CA MET A 517 -6.05 -20.05 -0.78
C MET A 517 -5.66 -19.66 -2.19
C MET A 517 -5.68 -19.66 -2.21
N ARG A 518 -5.68 -18.36 -2.47
CA ARG A 518 -5.38 -17.83 -3.79
C ARG A 518 -4.11 -18.44 -4.38
N THR A 519 -4.20 -18.84 -5.65
CA THR A 519 -3.06 -19.34 -6.40
C THR A 519 -2.87 -18.51 -7.66
N LYS A 520 -1.62 -18.34 -8.06
CA LYS A 520 -1.27 -17.77 -9.36
C LYS A 520 -0.66 -18.82 -10.27
N GLY A 521 -0.98 -20.09 -10.03
CA GLY A 521 -0.39 -21.18 -10.79
C GLY A 521 1.11 -21.25 -10.70
N GLY A 522 1.69 -20.79 -9.58
CA GLY A 522 3.12 -20.83 -9.40
C GLY A 522 3.88 -19.63 -9.93
N VAL A 523 3.20 -18.63 -10.49
CA VAL A 523 3.90 -17.44 -10.97
C VAL A 523 4.43 -16.63 -9.78
N GLU A 524 5.71 -16.31 -9.82
CA GLU A 524 6.38 -15.63 -8.71
C GLU A 524 6.15 -14.13 -8.72
N ASN A 525 6.17 -13.50 -9.90
CA ASN A 525 6.12 -12.04 -10.03
C ASN A 525 5.10 -11.69 -11.12
N SER A 526 3.84 -11.52 -10.73
CA SER A 526 2.75 -11.44 -11.70
C SER A 526 2.42 -10.02 -12.16
N TYR A 527 3.37 -9.07 -12.08
CA TYR A 527 3.03 -7.66 -12.28
C TYR A 527 2.44 -7.38 -13.66
N LYS A 528 2.81 -8.15 -14.67
CA LYS A 528 2.19 -7.93 -15.98
C LYS A 528 1.61 -9.21 -16.56
N SER A 529 1.34 -10.21 -15.72
CA SER A 529 0.74 -11.44 -16.18
C SER A 529 -0.71 -11.18 -16.59
N PRO A 530 -1.28 -12.02 -17.45
CA PRO A 530 -2.65 -11.79 -17.92
C PRO A 530 -3.65 -11.95 -16.80
N ILE A 531 -4.90 -11.57 -17.08
CA ILE A 531 -5.94 -11.61 -16.03
C ILE A 531 -6.17 -13.03 -15.55
N GLU A 532 -5.93 -14.04 -16.40
CA GLU A 532 -6.12 -15.42 -15.98
C GLU A 532 -5.22 -15.77 -14.79
N VAL A 533 -4.06 -15.11 -14.70
CA VAL A 533 -3.15 -15.33 -13.58
C VAL A 533 -3.59 -14.52 -12.37
N ASN A 534 -4.04 -13.28 -12.60
CA ASN A 534 -4.14 -12.28 -11.55
C ASN A 534 -5.54 -12.06 -11.01
N TRP A 535 -6.58 -12.60 -11.64
CA TRP A 535 -7.91 -12.26 -11.17
C TRP A 535 -8.20 -12.93 -9.82
N LEU A 536 -9.10 -12.32 -9.05
CA LEU A 536 -9.73 -13.01 -7.95
C LEU A 536 -10.65 -14.07 -8.54
N ASP A 537 -10.31 -15.34 -8.31
CA ASP A 537 -11.00 -16.45 -8.95
C ASP A 537 -12.22 -16.79 -8.10
N TRP A 538 -13.37 -16.24 -8.50
CA TRP A 538 -14.58 -16.43 -7.71
C TRP A 538 -15.13 -17.85 -7.78
N GLU A 539 -14.70 -18.63 -8.78
CA GLU A 539 -14.97 -20.07 -8.77
C GLU A 539 -14.21 -20.76 -7.64
N ARG A 540 -12.92 -20.45 -7.51
CA ARG A 540 -12.15 -21.00 -6.39
C ARG A 540 -12.74 -20.56 -5.06
N CYS A 541 -13.14 -19.29 -4.97
CA CYS A 541 -13.80 -18.81 -3.74
C CYS A 541 -15.03 -19.65 -3.41
N ALA A 542 -15.87 -19.94 -4.41
CA ALA A 542 -17.05 -20.77 -4.18
C ALA A 542 -16.69 -22.18 -3.72
N ALA A 543 -15.55 -22.72 -4.16
CA ALA A 543 -15.13 -24.05 -3.75
C ALA A 543 -14.45 -24.05 -2.39
N HIS A 544 -14.18 -22.87 -1.82
CA HIS A 544 -13.45 -22.71 -0.57
C HIS A 544 -14.26 -21.94 0.47
N GLN A 545 -15.59 -22.04 0.44
CA GLN A 545 -16.41 -21.24 1.35
C GLN A 545 -16.13 -21.58 2.81
N ASP A 546 -15.74 -22.83 3.11
CA ASP A 546 -15.34 -23.16 4.47
C ASP A 546 -14.06 -22.42 4.87
N ASP A 547 -13.08 -22.38 3.98
CA ASP A 547 -11.86 -21.62 4.28
C ASP A 547 -12.15 -20.14 4.45
N VAL A 548 -13.11 -19.60 3.68
CA VAL A 548 -13.50 -18.19 3.83
C VAL A 548 -14.12 -17.96 5.20
N SER A 549 -14.99 -18.88 5.63
CA SER A 549 -15.60 -18.76 6.95
C SER A 549 -14.56 -18.89 8.05
N TYR A 550 -13.58 -19.77 7.88
CA TYR A 550 -12.49 -19.86 8.84
C TYR A 550 -11.77 -18.52 8.99
N MET A 551 -11.46 -17.86 7.87
CA MET A 551 -10.82 -16.55 7.93
C MET A 551 -11.71 -15.53 8.62
N ARG A 552 -13.01 -15.54 8.29
CA ARG A 552 -13.95 -14.66 8.97
C ARG A 552 -13.95 -14.88 10.48
N SER A 553 -13.90 -16.14 10.91
CA SER A 553 -13.89 -16.44 12.33
C SER A 553 -12.58 -16.03 13.00
N LEU A 554 -11.45 -16.17 12.29
CA LEU A 554 -10.18 -15.69 12.84
C LEU A 554 -10.22 -14.18 13.05
N ILE A 555 -10.75 -13.46 12.07
CA ILE A 555 -10.82 -12.00 12.19
C ILE A 555 -11.74 -11.63 13.34
N ALA A 556 -12.86 -12.35 13.48
CA ALA A 556 -13.78 -12.10 14.60
C ALA A 556 -13.11 -12.40 15.94
N LEU A 557 -12.29 -13.46 15.99
CA LEU A 557 -11.58 -13.77 17.23
C LEU A 557 -10.67 -12.62 17.65
N ARG A 558 -9.93 -12.04 16.70
CA ARG A 558 -9.04 -10.93 17.05
C ARG A 558 -9.83 -9.72 17.50
N LYS A 559 -10.97 -9.46 16.88
CA LYS A 559 -11.77 -8.30 17.26
C LYS A 559 -12.37 -8.48 18.65
N ALA A 560 -12.74 -9.72 18.99
CA ALA A 560 -13.30 -10.02 20.30
C ALA A 560 -12.28 -9.95 21.42
N HIS A 561 -10.98 -9.96 21.11
CA HIS A 561 -9.94 -10.08 22.13
C HIS A 561 -8.88 -8.99 21.97
N PRO A 562 -9.07 -7.85 22.65
CA PRO A 562 -8.04 -6.79 22.59
C PRO A 562 -6.68 -7.22 23.13
N ALA A 563 -6.58 -8.37 23.81
CA ALA A 563 -5.27 -8.88 24.21
C ALA A 563 -4.37 -9.11 22.99
N PHE A 564 -4.96 -9.36 21.82
CA PHE A 564 -4.17 -9.54 20.59
C PHE A 564 -3.74 -8.22 19.95
N ARG A 565 -4.19 -7.08 20.49
CA ARG A 565 -4.09 -5.78 19.82
C ARG A 565 -3.46 -4.74 20.73
N LEU A 566 -2.58 -5.17 21.63
CA LEU A 566 -1.95 -4.27 22.59
C LEU A 566 -1.25 -3.13 21.87
N LYS A 567 -1.45 -1.92 22.40
CA LYS A 567 -0.97 -0.71 21.74
C LYS A 567 0.50 -0.41 22.01
N THR A 568 1.08 -0.89 23.11
CA THR A 568 2.43 -0.48 23.48
C THR A 568 3.32 -1.67 23.78
N ALA A 569 4.63 -1.45 23.59
CA ALA A 569 5.63 -2.47 23.90
C ALA A 569 5.65 -2.79 25.39
N ASP A 570 5.42 -1.78 26.25
CA ASP A 570 5.40 -2.07 27.68
C ASP A 570 4.30 -3.04 28.04
N GLU A 571 3.12 -2.88 27.44
CA GLU A 571 2.03 -3.84 27.69
C GLU A 571 2.41 -5.24 27.23
N ILE A 572 3.03 -5.35 26.05
CA ILE A 572 3.42 -6.67 25.56
C ILE A 572 4.42 -7.30 26.52
N ARG A 573 5.41 -6.51 26.98
CA ARG A 573 6.42 -7.09 27.87
C ARG A 573 5.81 -7.46 29.22
N ALA A 574 4.72 -6.83 29.63
CA ALA A 574 4.13 -7.15 30.92
C ALA A 574 3.10 -8.27 30.85
N HIS A 575 2.48 -8.51 29.69
CA HIS A 575 1.38 -9.48 29.60
C HIS A 575 1.68 -10.70 28.75
N LEU A 576 2.59 -10.62 27.79
CA LEU A 576 2.87 -11.75 26.91
C LEU A 576 3.96 -12.63 27.53
N ARG A 577 3.67 -13.93 27.65
CA ARG A 577 4.64 -14.90 28.17
C ARG A 577 4.72 -16.11 27.24
N PHE A 578 5.94 -16.46 26.83
CA PHE A 578 6.11 -17.67 26.03
C PHE A 578 6.22 -18.88 26.95
N GLU A 579 5.50 -19.94 26.60
CA GLU A 579 5.39 -21.12 27.45
C GLU A 579 6.25 -22.26 26.86
N ALA A 580 6.54 -23.24 27.71
CA ALA A 580 7.28 -24.42 27.27
C ALA A 580 6.52 -25.16 26.18
N ALA A 581 7.20 -25.42 25.06
CA ALA A 581 6.56 -26.07 23.93
C ALA A 581 7.61 -26.84 23.14
N PRO A 582 7.23 -27.97 22.53
CA PRO A 582 8.22 -28.82 21.82
C PRO A 582 8.58 -28.22 20.47
N PRO A 583 9.63 -28.76 19.80
CA PRO A 583 9.96 -28.28 18.46
C PRO A 583 8.78 -28.42 17.51
N HIS A 584 8.74 -27.50 16.53
CA HIS A 584 7.68 -27.37 15.54
C HIS A 584 6.36 -26.90 16.16
N THR A 585 6.42 -26.30 17.34
CA THR A 585 5.27 -25.64 17.96
C THR A 585 5.75 -24.36 18.62
N VAL A 586 4.79 -23.45 18.83
CA VAL A 586 4.98 -22.25 19.62
C VAL A 586 3.76 -22.13 20.52
N ALA A 587 3.99 -21.83 21.80
CA ALA A 587 2.88 -21.64 22.75
C ALA A 587 3.13 -20.38 23.57
N PHE A 588 2.06 -19.60 23.79
CA PHE A 588 2.20 -18.44 24.65
C PHE A 588 0.88 -18.17 25.36
N THR A 589 0.99 -17.41 26.44
CA THR A 589 -0.16 -16.85 27.14
C THR A 589 -0.14 -15.34 27.04
N LEU A 590 -1.33 -14.77 27.01
CA LEU A 590 -1.56 -13.34 27.22
C LEU A 590 -2.29 -13.28 28.56
N ARG A 591 -1.58 -12.83 29.59
CA ARG A 591 -2.03 -12.97 30.97
C ARG A 591 -2.73 -11.70 31.46
N ASP A 592 -3.65 -11.89 32.40
CA ASP A 592 -4.19 -10.80 33.22
C ASP A 592 -4.92 -9.75 32.38
N HIS A 593 -6.01 -10.17 31.74
CA HIS A 593 -6.92 -9.25 31.06
C HIS A 593 -6.18 -8.26 30.17
N ALA A 594 -5.22 -8.77 29.39
CA ALA A 594 -4.33 -7.90 28.64
C ALA A 594 -5.13 -7.00 27.70
N GLY A 595 -4.84 -5.70 27.71
CA GLY A 595 -5.54 -4.79 26.81
C GLY A 595 -7.02 -4.61 27.08
N GLY A 596 -7.52 -5.06 28.23
CA GLY A 596 -8.95 -5.01 28.47
C GLY A 596 -9.67 -6.24 27.99
N ASP A 597 -8.96 -7.35 27.80
CA ASP A 597 -9.59 -8.58 27.36
C ASP A 597 -10.64 -9.02 28.37
N PRO A 598 -11.80 -9.47 27.90
CA PRO A 598 -12.83 -9.97 28.83
C PRO A 598 -12.40 -11.19 29.61
N ASP A 599 -11.59 -12.05 29.03
CA ASP A 599 -11.14 -13.23 29.75
C ASP A 599 -9.92 -12.92 30.60
N ARG A 600 -9.74 -13.70 31.66
CA ARG A 600 -8.62 -13.49 32.59
C ARG A 600 -7.27 -13.78 31.93
N HIS A 601 -7.18 -14.87 31.16
CA HIS A 601 -5.94 -15.28 30.50
C HIS A 601 -6.28 -15.92 29.16
N LEU A 602 -5.38 -15.78 28.19
CA LEU A 602 -5.48 -16.54 26.95
C LEU A 602 -4.26 -17.44 26.84
N TYR A 603 -4.44 -18.60 26.21
CA TYR A 603 -3.35 -19.48 25.84
C TYR A 603 -3.47 -19.76 24.35
N VAL A 604 -2.38 -19.60 23.61
CA VAL A 604 -2.39 -19.82 22.17
C VAL A 604 -1.31 -20.82 21.83
N LEU A 605 -1.68 -21.84 21.06
CA LEU A 605 -0.77 -22.86 20.55
C LEU A 605 -0.76 -22.80 19.02
N TYR A 606 0.43 -22.61 18.44
CA TYR A 606 0.66 -22.81 17.02
C TYR A 606 1.29 -24.18 16.87
N ASN A 607 0.56 -25.13 16.33
CA ASN A 607 1.06 -26.49 16.24
C ASN A 607 1.34 -26.81 14.79
N ALA A 608 2.62 -26.89 14.43
CA ALA A 608 3.02 -27.31 13.11
C ALA A 608 3.41 -28.79 13.07
N ASN A 609 3.09 -29.56 14.12
CA ASN A 609 3.37 -31.00 14.17
C ASN A 609 2.11 -31.74 13.76
N PRO A 610 2.11 -32.54 12.68
CA PRO A 610 0.86 -33.18 12.25
C PRO A 610 0.44 -34.35 13.13
N GLY A 611 1.27 -34.78 14.07
CA GLY A 611 0.96 -35.93 14.91
C GLY A 611 0.19 -35.56 16.16
N ALA A 612 0.29 -36.44 17.14
CA ALA A 612 -0.37 -36.28 18.42
C ALA A 612 0.61 -35.77 19.46
N LEU A 613 0.18 -34.78 20.25
CA LEU A 613 0.99 -34.20 21.31
C LEU A 613 0.16 -34.02 22.56
N SER A 614 0.79 -34.25 23.70
CA SER A 614 0.23 -33.93 25.02
C SER A 614 1.07 -32.80 25.60
N LEU A 615 0.46 -31.64 25.87
CA LEU A 615 1.19 -30.45 26.27
C LEU A 615 0.85 -30.03 27.69
N GLU A 616 1.86 -29.56 28.42
CA GLU A 616 1.63 -29.01 29.75
C GLU A 616 1.22 -27.55 29.62
N LEU A 617 0.13 -27.19 30.29
CA LEU A 617 -0.34 -25.82 30.31
C LEU A 617 0.02 -25.15 31.64
N PRO A 618 0.28 -23.84 31.63
CA PRO A 618 0.41 -23.12 32.90
C PRO A 618 -0.89 -23.21 33.68
N ALA A 619 -0.77 -23.37 34.99
CA ALA A 619 -1.92 -23.64 35.85
C ALA A 619 -2.52 -22.31 36.31
N LEU A 620 -3.26 -21.67 35.40
CA LEU A 620 -3.79 -20.34 35.63
C LEU A 620 -5.29 -20.32 35.90
N GLY A 621 -5.93 -21.50 35.99
CA GLY A 621 -7.34 -21.55 36.22
C GLY A 621 -8.04 -22.49 35.26
N PRO A 622 -9.39 -22.46 35.25
CA PRO A 622 -10.15 -23.41 34.44
C PRO A 622 -10.18 -23.08 32.95
N TRP A 623 -9.15 -23.53 32.22
CA TRP A 623 -9.10 -23.29 30.78
C TRP A 623 -10.33 -23.84 30.08
N GLU A 624 -10.78 -23.13 29.05
CA GLU A 624 -11.79 -23.66 28.14
C GLU A 624 -11.41 -23.32 26.71
N VAL A 625 -11.91 -24.14 25.78
CA VAL A 625 -11.56 -24.01 24.37
C VAL A 625 -12.32 -22.84 23.76
N ARG A 626 -11.61 -21.94 23.08
CA ARG A 626 -12.29 -20.86 22.37
C ARG A 626 -12.14 -20.94 20.86
N PHE A 627 -11.10 -21.58 20.36
CA PHE A 627 -10.88 -21.62 18.92
C PHE A 627 -10.02 -22.82 18.63
N GLY A 628 -10.26 -23.47 17.49
CA GLY A 628 -9.48 -24.64 17.15
C GLY A 628 -9.87 -25.90 17.89
N GLY A 629 -11.11 -25.98 18.40
CA GLY A 629 -11.56 -27.19 19.07
C GLY A 629 -11.44 -28.44 18.21
N GLU A 630 -11.44 -28.28 16.89
CA GLU A 630 -11.32 -29.44 16.00
C GLU A 630 -9.97 -30.14 16.15
N HIS A 631 -8.98 -29.49 16.75
CA HIS A 631 -7.67 -30.11 17.01
C HIS A 631 -7.53 -30.68 18.40
N VAL A 632 -8.51 -30.48 19.28
CA VAL A 632 -8.36 -30.76 20.70
C VAL A 632 -9.07 -32.06 21.03
N LEU A 633 -8.32 -33.04 21.54
CA LEU A 633 -8.93 -34.26 22.03
C LEU A 633 -9.41 -34.11 23.46
N ALA A 634 -8.67 -33.38 24.28
CA ALA A 634 -9.00 -33.29 25.70
C ALA A 634 -8.32 -32.07 26.29
N LEU A 635 -8.97 -31.50 27.31
CA LEU A 635 -8.45 -30.38 28.06
C LEU A 635 -8.65 -30.68 29.54
N GLU A 636 -7.56 -30.77 30.28
CA GLU A 636 -7.55 -31.07 31.72
C GLU A 636 -7.05 -29.85 32.46
N ALA A 637 -7.92 -29.19 33.21
CA ALA A 637 -7.48 -28.01 33.94
C ALA A 637 -7.49 -28.26 35.45
N ALA A 659 -2.28 -29.06 34.62
CA ALA A 659 -3.10 -28.70 33.47
C ALA A 659 -2.47 -29.24 32.18
N ARG A 660 -3.29 -29.79 31.29
CA ARG A 660 -2.76 -30.53 30.17
C ARG A 660 -3.71 -30.46 28.96
N LEU A 661 -3.13 -30.33 27.77
CA LEU A 661 -3.89 -30.23 26.53
C LEU A 661 -3.49 -31.35 25.58
N GLU A 662 -4.48 -32.09 25.08
CA GLU A 662 -4.23 -33.15 24.09
C GLU A 662 -4.65 -32.66 22.72
N VAL A 663 -3.70 -32.59 21.77
CA VAL A 663 -3.98 -32.11 20.43
C VAL A 663 -3.48 -33.10 19.39
N ARG A 664 -3.99 -32.90 18.17
CA ARG A 664 -3.52 -33.65 17.01
C ARG A 664 -3.76 -32.80 15.77
N GLY A 665 -2.78 -32.81 14.87
CA GLY A 665 -2.96 -32.11 13.61
C GLY A 665 -2.44 -30.69 13.65
N VAL A 666 -2.04 -30.21 12.47
CA VAL A 666 -1.49 -28.86 12.31
C VAL A 666 -2.61 -27.83 12.44
N GLY A 667 -2.39 -26.81 13.25
CA GLY A 667 -3.38 -25.76 13.39
C GLY A 667 -3.20 -24.98 14.67
N VAL A 668 -4.04 -23.95 14.82
CA VAL A 668 -4.00 -23.09 15.99
C VAL A 668 -5.06 -23.55 16.98
N VAL A 669 -4.74 -23.44 18.27
CA VAL A 669 -5.70 -23.66 19.35
C VAL A 669 -5.62 -22.46 20.28
N VAL A 670 -6.78 -21.92 20.68
CA VAL A 670 -6.85 -20.80 21.62
C VAL A 670 -7.71 -21.25 22.80
N LEU A 671 -7.16 -21.14 24.01
CA LEU A 671 -7.89 -21.38 25.24
C LEU A 671 -8.02 -20.09 26.03
N ALA A 672 -8.99 -20.05 26.94
CA ALA A 672 -9.14 -18.92 27.82
C ALA A 672 -9.48 -19.40 29.22
N VAL A 673 -9.02 -18.65 30.22
CA VAL A 673 -9.57 -18.70 31.57
C VAL A 673 -10.60 -17.57 31.67
N PRO A 674 -11.88 -17.87 31.85
CA PRO A 674 -12.87 -16.80 31.88
C PRO A 674 -12.78 -16.03 33.19
N ARG A 675 -13.36 -14.85 33.17
CA ARG A 675 -13.60 -14.14 34.41
C ARG A 675 -14.79 -14.83 35.11
C1 GLC B . 14.48 -8.07 2.04
C2 GLC B . 12.99 -8.39 2.19
C3 GLC B . 12.38 -8.63 0.81
C4 GLC B . 12.60 -7.41 -0.08
C5 GLC B . 14.09 -7.14 -0.16
C6 GLC B . 14.37 -5.90 -0.99
O1 GLC B . 15.18 -9.21 1.53
O2 GLC B . 12.81 -9.56 3.00
O3 GLC B . 10.98 -8.91 0.91
O4 GLC B . 12.13 -7.73 -1.41
O5 GLC B . 14.64 -6.94 1.15
O6 GLC B . 15.80 -5.70 -1.02
C1 GLC B . 10.91 -7.04 -1.73
C2 GLC B . 9.98 -8.02 -2.48
C3 GLC B . 10.58 -8.37 -3.84
C4 GLC B . 10.85 -7.08 -4.60
C5 GLC B . 11.83 -6.24 -3.78
C6 GLC B . 12.28 -4.98 -4.52
O2 GLC B . 9.82 -9.21 -1.70
O3 GLC B . 9.71 -9.23 -4.58
O4 GLC B . 11.42 -7.40 -5.88
O5 GLC B . 11.18 -5.90 -2.55
O6 GLC B . 11.14 -4.22 -4.92
C1 GLC B . 10.51 -7.06 -6.95
C2 GLC B . 10.18 -8.29 -7.76
C3 GLC B . 11.47 -8.92 -8.25
C4 GLC B . 12.31 -7.89 -9.01
C5 GLC B . 12.40 -6.56 -8.26
C6 GLC B . 13.05 -5.51 -9.17
O2 GLC B . 9.45 -9.25 -6.99
O3 GLC B . 11.17 -10.05 -9.08
O4 GLC B . 13.64 -8.42 -9.18
O5 GLC B . 11.11 -6.11 -7.85
O6 GLC B . 14.22 -6.05 -9.75
C1 GLC C . 7.93 -2.88 -4.36
C2 GLC C . 6.60 -3.33 -4.95
C3 GLC C . 6.87 -4.23 -6.16
C4 GLC C . 7.49 -3.35 -7.23
C5 GLC C . 8.69 -2.57 -6.70
C6 GLC C . 8.99 -1.36 -7.59
O1 GLC C . 8.77 -3.96 -3.91
O2 GLC C . 5.76 -3.90 -3.93
O3 GLC C . 5.64 -4.85 -6.57
O4 GLC C . 7.94 -4.17 -8.33
O5 GLC C . 8.56 -2.06 -5.36
O6 GLC C . 8.13 -0.27 -7.22
C1 GLC C . 6.93 -4.41 -9.36
C2 GLC C . 7.34 -5.67 -10.14
C3 GLC C . 8.66 -5.40 -10.89
C4 GLC C . 8.46 -4.21 -11.83
C5 GLC C . 7.99 -3.01 -11.02
C6 GLC C . 7.79 -1.78 -11.90
O2 GLC C . 7.51 -6.79 -9.26
O3 GLC C . 9.10 -6.57 -11.60
O4 GLC C . 9.68 -3.86 -12.48
O5 GLC C . 6.78 -3.33 -10.31
O6 GLC C . 6.74 -2.03 -12.85
C1 GLC C . 9.62 -4.23 -13.88
C2 GLC C . 10.89 -5.02 -14.18
C3 GLC C . 12.09 -4.10 -13.97
C4 GLC C . 11.95 -2.89 -14.89
C5 GLC C . 10.62 -2.17 -14.66
C6 GLC C . 10.44 -1.07 -15.70
O2 GLC C . 11.01 -6.16 -13.33
O3 GLC C . 13.30 -4.81 -14.24
O4 GLC C . 13.04 -1.99 -14.70
O5 GLC C . 9.52 -3.10 -14.75
O6 GLC C . 9.06 -0.76 -15.89
C1 GLC D . -20.73 -28.87 14.71
C2 GLC D . -19.91 -29.93 14.00
C3 GLC D . -19.08 -29.36 12.84
C4 GLC D . -19.92 -28.49 11.89
C5 GLC D . -20.71 -27.48 12.73
C6 GLC D . -21.68 -26.66 11.87
O1 GLC D . -19.88 -28.01 15.48
O2 GLC D . -19.04 -30.57 14.96
O3 GLC D . -18.47 -30.45 12.13
O4 GLC D . -19.02 -27.82 10.97
O5 GLC D . -21.49 -28.12 13.75
O6 GLC D . -22.52 -25.89 12.72
C1 GLC D . -19.40 -27.93 9.57
C2 GLC D . -18.21 -28.27 8.67
C3 GLC D . -17.12 -27.21 8.83
C4 GLC D . -17.64 -25.79 8.66
C5 GLC D . -19.01 -25.60 9.30
C6 GLC D . -19.70 -24.34 8.78
O2 GLC D . -17.69 -29.57 8.99
O3 GLC D . -16.01 -27.45 7.95
O4 GLC D . -16.69 -24.96 9.35
O5 GLC D . -19.90 -26.70 9.05
O6 GLC D . -19.53 -24.29 7.36
C1 GLC D . -16.17 -23.83 8.66
C2 GLC D . -14.65 -23.86 8.74
C3 GLC D . -14.29 -23.92 10.22
C4 GLC D . -14.85 -22.69 10.92
C5 GLC D . -16.36 -22.60 10.66
C6 GLC D . -16.94 -21.33 11.28
O2 GLC D . -14.15 -25.02 8.07
O3 GLC D . -12.86 -23.97 10.41
O4 GLC D . -14.62 -22.84 12.32
O5 GLC D . -16.65 -22.62 9.24
O6 GLC D . -16.37 -20.16 10.66
C1 GLC D . -13.70 -21.86 12.84
C2 GLC D . -12.67 -22.60 13.71
C3 GLC D . -13.34 -23.20 14.94
C4 GLC D . -14.11 -22.15 15.73
C5 GLC D . -15.04 -21.37 14.78
C6 GLC D . -15.68 -20.18 15.48
O2 GLC D . -12.06 -23.64 12.92
O3 GLC D . -12.37 -23.83 15.80
O4 GLC D . -14.92 -22.90 16.64
O5 GLC D . -14.35 -20.88 13.63
O6 GLC D . -16.48 -19.50 14.49
C1 GLC D . -14.87 -22.52 18.04
C2 GLC D . -14.45 -23.71 18.91
C3 GLC D . -15.44 -24.86 18.75
C4 GLC D . -16.85 -24.40 19.09
C5 GLC D . -17.19 -23.09 18.39
C6 GLC D . -18.48 -22.57 19.01
O2 GLC D . -13.15 -24.18 18.60
O3 GLC D . -15.08 -25.92 19.64
O4 GLC D . -17.76 -25.42 18.70
O5 GLC D . -16.15 -22.09 18.51
O6 GLC D . -19.10 -21.68 18.08
C1 GOL E . 14.59 12.75 14.19
O1 GOL E . 15.31 12.12 13.17
C2 GOL E . 13.63 11.68 14.77
O2 GOL E . 14.09 11.15 15.96
C3 GOL E . 12.27 12.41 14.91
O3 GOL E . 11.52 11.69 15.86
C1 GOL F . -14.91 -7.47 24.08
O1 GOL F . -15.61 -7.27 25.26
C2 GOL F . -14.41 -6.10 23.59
O2 GOL F . -13.51 -5.53 24.50
C3 GOL F . -13.77 -6.37 22.19
O3 GOL F . -14.61 -5.80 21.23
C1 GOL G . 13.31 4.00 21.54
O1 GOL G . 12.76 5.09 20.87
C2 GOL G . 14.74 3.79 21.00
O2 GOL G . 15.02 4.65 19.94
C3 GOL G . 14.82 2.29 20.60
O3 GOL G . 15.65 2.20 19.46
C1 GOL H . -10.21 7.44 20.75
O1 GOL H . -10.49 6.83 19.52
C2 GOL H . -8.71 7.17 21.07
O2 GOL H . -8.30 5.89 20.64
C3 GOL H . -7.93 8.33 20.38
O3 GOL H . -6.64 7.87 20.08
C1 PEG I . 23.66 34.15 -8.24
O1 PEG I . 22.34 33.66 -8.49
C2 PEG I . 24.18 33.48 -6.97
O2 PEG I . 25.46 33.98 -6.60
C3 PEG I . 25.96 33.30 -5.45
C4 PEG I . 27.32 32.69 -5.76
O4 PEG I . 27.64 31.70 -4.79
C1 PEG J . 15.03 -6.28 28.35
O1 PEG J . 13.92 -7.14 28.62
C2 PEG J . 14.71 -5.43 27.15
O2 PEG J . 13.66 -4.53 27.48
C3 PEG J . 13.64 -3.42 26.59
C4 PEG J . 12.84 -2.29 27.21
O4 PEG J . 12.89 -1.16 26.35
C1 PEG K . -20.21 3.43 9.01
O1 PEG K . -19.41 2.67 9.92
C2 PEG K . -19.73 4.89 9.00
O2 PEG K . -19.47 5.29 10.34
C3 PEG K . -19.25 6.69 10.47
C4 PEG K . -19.07 7.05 11.93
O4 PEG K . -20.16 6.54 12.70
C1 PEG L . -14.76 -1.66 10.64
O1 PEG L . -14.36 -1.54 12.00
C2 PEG L . -16.01 -2.53 10.52
O2 PEG L . -15.67 -3.89 10.72
C3 PEG L . -16.82 -4.61 11.17
C4 PEG L . -16.44 -6.05 11.47
O4 PEG L . -17.57 -6.74 12.01
C1 PEG M . -12.72 -30.62 26.03
O1 PEG M . -13.39 -29.35 25.95
C2 PEG M . -13.11 -31.50 24.85
O2 PEG M . -12.69 -30.87 23.65
C3 PEG M . -13.26 -31.47 22.49
C4 PEG M . -13.23 -30.44 21.36
O4 PEG M . -13.66 -29.17 21.89
C1 PEG N . 21.63 -11.41 23.97
O1 PEG N . 21.33 -12.11 22.76
C2 PEG N . 20.86 -10.10 24.00
O2 PEG N . 21.10 -9.48 25.25
C3 PEG N . 20.48 -8.19 25.38
C4 PEG N . 20.92 -7.58 26.70
O4 PEG N . 20.41 -6.25 26.83
C1 PEG O . 8.15 20.67 3.09
O1 PEG O . 8.25 21.24 4.40
C2 PEG O . 7.24 21.55 2.25
O2 PEG O . 5.88 21.45 2.71
C3 PEG O . 5.33 22.76 2.78
C4 PEG O . 3.85 22.74 3.13
O4 PEG O . 3.09 22.52 1.94
C1 PEG P . -18.57 -12.64 12.99
O1 PEG P . -18.67 -11.52 13.88
C2 PEG P . -18.00 -12.19 11.65
O2 PEG P . -18.81 -11.16 11.09
C3 PEG P . -18.34 -10.76 9.79
C4 PEG P . -19.33 -9.80 9.13
O4 PEG P . -18.92 -8.45 9.37
C1 PEG Q . -17.94 -23.73 13.73
O1 PEG Q . -19.29 -23.25 13.76
C2 PEG Q . -17.91 -25.26 13.81
O2 PEG Q . -16.59 -25.71 14.13
C3 PEG Q . -16.61 -26.83 15.02
C4 PEG Q . -15.20 -27.16 15.50
O4 PEG Q . -15.25 -28.08 16.60
C1 PEG R . -14.37 -27.51 11.12
O1 PEG R . -15.08 -27.54 12.36
C2 PEG R . -13.10 -28.35 11.22
O2 PEG R . -12.48 -28.38 9.93
C3 PEG R . -11.24 -29.09 9.94
C4 PEG R . -10.91 -29.56 8.53
O4 PEG R . -11.00 -28.46 7.62
C1 PGE S . -8.67 29.53 -27.13
O1 PGE S . -9.02 30.12 -28.37
C2 PGE S . -9.35 30.28 -26.01
O2 PGE S . -8.39 30.60 -25.03
C3 PGE S . -8.93 31.26 -23.90
C4 PGE S . -7.93 32.29 -23.43
O4 PGE S . -5.28 35.81 -25.19
C6 PGE S . -6.44 35.02 -25.38
C5 PGE S . -6.62 34.11 -24.18
O3 PGE S . -7.48 33.04 -24.53
C1 PGE T . -6.37 -26.82 -4.68
O1 PGE T . -5.38 -26.02 -5.34
C2 PGE T . -7.48 -25.92 -4.17
O2 PGE T . -8.76 -26.25 -4.67
C3 PGE T . -9.23 -25.19 -5.45
C4 PGE T . -10.71 -25.24 -5.77
O4 PGE T . -8.28 -23.67 -9.25
C6 PGE T . -9.30 -23.34 -8.32
C5 PGE T . -10.09 -24.58 -7.97
O3 PGE T . -10.92 -24.33 -6.84
OH2 1PE U . 34.21 15.85 -13.81
C12 1PE U . 33.82 16.45 -12.57
C22 1PE U . 32.40 16.01 -12.24
OH3 1PE U . 31.81 16.83 -11.22
C13 1PE U . 29.51 16.99 -10.45
C23 1PE U . 30.49 17.20 -11.60
OH4 1PE U . 28.22 17.41 -10.88
C14 1PE U . 27.01 15.97 -9.44
C24 1PE U . 27.31 16.31 -10.89
OH5 1PE U . 25.90 15.10 -9.31
C15 1PE U . 24.08 15.47 -7.77
C25 1PE U . 25.53 15.02 -7.94
OH6 1PE U . 23.96 16.38 -6.67
C16 1PE U . 22.62 18.01 -5.53
C26 1PE U . 22.62 16.79 -6.45
OH7 1PE U . 23.08 17.64 -4.23
C TAM V . 21.25 31.43 -28.65
C1 TAM V . 20.13 31.82 -27.69
C2 TAM V . 21.11 32.25 -29.92
C3 TAM V . 22.61 31.63 -28.00
C4 TAM V . 18.79 31.47 -28.34
C5 TAM V . 21.32 33.75 -29.72
C6 TAM V . 23.08 30.34 -27.31
N TAM V . 21.10 30.00 -28.98
O4 TAM V . 17.86 32.56 -28.18
O5 TAM V . 20.46 34.48 -30.61
O6 TAM V . 22.35 30.16 -26.10
C TAM W . 7.33 28.51 -29.65
C1 TAM W . 6.91 29.89 -29.16
C2 TAM W . 6.36 28.08 -30.75
C3 TAM W . 8.79 28.52 -30.15
C4 TAM W . 7.00 30.93 -30.27
C5 TAM W . 6.97 27.98 -32.15
C6 TAM W . 9.50 27.21 -29.82
N TAM W . 7.23 27.59 -28.52
O4 TAM W . 5.80 31.72 -30.26
O5 TAM W . 6.98 26.61 -32.56
O6 TAM W . 8.82 26.07 -30.36
N1 IMD X . 19.80 35.18 -25.34
C2 IMD X . 18.71 34.73 -26.01
N3 IMD X . 18.84 35.06 -27.32
C4 IMD X . 20.00 35.72 -27.47
C5 IMD X . 20.61 35.79 -26.23
N1 IMD Y . 4.60 -11.32 31.87
C2 IMD Y . 5.41 -10.91 30.87
N3 IMD Y . 6.37 -11.84 30.67
C4 IMD Y . 6.15 -12.85 31.55
C5 IMD Y . 5.04 -12.52 32.30
N1 IMD Z . -7.34 16.68 14.88
C2 IMD Z . -6.02 16.93 15.05
N3 IMD Z . -5.54 16.12 16.02
C4 IMD Z . -6.56 15.35 16.45
C5 IMD Z . -7.69 15.70 15.73
N1 IMD AA . 16.45 -21.86 10.70
C2 IMD AA . 16.20 -20.61 11.17
N3 IMD AA . 16.59 -19.71 10.23
C4 IMD AA . 17.08 -20.40 9.18
C5 IMD AA . 17.00 -21.75 9.47
CA CA BA . -2.57 5.63 -16.97
CA CA CA . 0.48 7.81 15.57
CL CL DA . 20.31 0.39 4.11
CL CL EA . -10.64 -1.63 -18.27
CL CL FA . -10.71 -12.18 36.59
CL CL GA . 13.70 -26.96 3.75
CL CL HA . 7.69 -32.29 1.77
CL CL IA . -13.10 -7.11 12.54
CL CL JA . 14.41 -7.67 12.21
CL CL KA . -4.57 -39.12 18.62
#